data_7JLU
#
_entry.id   7JLU
#
_cell.length_a   1.00
_cell.length_b   1.00
_cell.length_c   1.00
_cell.angle_alpha   90.00
_cell.angle_beta   90.00
_cell.angle_gamma   90.00
#
_symmetry.space_group_name_H-M   'P 1'
#
loop_
_entity.id
_entity.type
_entity.pdbx_description
1 polymer 'Disease resistance protein Roq1'
2 polymer XopQ
3 non-polymer 'CALCIUM ION'
#
loop_
_entity_poly.entity_id
_entity_poly.type
_entity_poly.pdbx_seq_one_letter_code
_entity_poly.pdbx_strand_id
1 'polypeptide(L)'
;MLTSSSHHGRSYDVFLSFRGEDTRKTFVGHLFNALIEKGIHTFMDDKELKRGKSISSELMKAIGESRFAVVVFSKNYASS
TWCLEELVKILEIHEKFELIVVPVFYDVDPSTVRKQNGEYAVCFTKFEANLVDDRDKVLRWREALTKVANISGHDLRNTY
NGDESKCIQQILKDIFDKFCFSISITNRDLVGIESQIKKLSSLLRMDLKGVRLVGIWGMGGVGKTTAARALFNRYYQNFE
SACFLEDVKEYLQHHTLLYLQKTLLSKLLKVEFVDCTDTEEMCVILKRRLCSKKVLVVLDDVNHNDQLDKLVGAEDWFGS
GSRIVITTRDMKLLKNHDVHETYEIKVLEKDEAIELFNLHAFKRSSPEKEFKELLNLVVDYTGGLPLALKVLGSLLYKED
LDVWISTIDRLKDNPEGEIMATLKISFDGLRDYEKSIFLDIACFFRGYNQRDMTALFHASGFHPVLGVKTLVEKSLIFIL
EDKIQMHDLMQEMGRQIAVQESPMRRIYRPEDVKDACIGDMRKEAIEGLLLTEPEQFEEGELEYMYSAEALKKTRRLRIL
VKEYYNRGFDEPVAYLPNSLLWLEWRNYSSNSFPSNFEPSKLVYLTMKGSSIIELWNGAKRLAFLTTLDLSYCHKLIQTP
DFRMITNLERLILSSCDALVEVHPSVGFLKNLILLNMDHCISLERLPAIIQSECLEVLDLNYCFNLKMFPEVERNMTHLK
KLDLTSTGIRELPASIEHLSSLENLQMHSCNQLVSLPSSIWRFRNLKISECEKLGSLPEIHGNSNCTRELILKLVSIKEL
PTSIGNLTSLNFLEICNCKTISSLSSSIWGLTSLTTLKLLDCRKLKNLPGIPNAINHLSGHGLQLLLTLEQPTIYERLDL
LRIIDMSWCSCISSLPHNIWMLKFLRILCISYCSRLEYLPENLGHLEHLEELLADGTGILRLPSSVARLNKLEVLSFRKK
FAIGPKVQYSSSMLNLPDDVFGSLGSLGSVVKLNLSGNGFCNLPETMNQLFCLEYLDITFCQRLEALPELPPSIKELYVD
EHLALRIMEDLVIKCKELNLIAVTKIEYQNFYRWLDSIWSDVSELLENSQKQQLDDMLQLIPFSYLSTAKREEVLKIVIH
GTRIPEWFRWQDRSATTMSVNLPEYWYTENFLGFAICCSCCFYHSARSYDVEFEGSMHHYNYDSSYWKEYEEPSYDFYER
DSIEITAKLTPRHKGMRTEELKKVCSFSMNVLRRATAVPNMCFAFFPFNSLCHISNLQANNPNDYGIFETCLSPGDIRHR
GKQWGFNLVYKDETGGSVTHEMLINRDYKDHDGDYKDHDIDYKDDDDK
;
A
2 'polypeptide(L)'
;MASWSHPQFEKGAMQPTAIRSTVGLPGADMTADLRDPAPVAVPAHSAADAAAPPPGALQTIVGRPPRPDGPRHRRAQSLP
ARLTPAQRGMLAELGVADTSVLTPTETAVLRELRLHRPPLPLDTLLFTDPNKDPDDVVTYTIAKQLQAEGFLRLTDVVVT
LGDADMRSQRAQLAKGVFDRLALPEVRVARGQDYPMTSTQAREHSKFLAEGAALRAAPDAVHTDGVRAMRERLATSPHKL
GMVVIAGMTDASALLAEAGDLVREKLASITIMGGIDPARDADGLVQPDTRAYNNATDIHAARALYRRAQQLGIPLRILSK
EAAYRAAVPPAFYEGIARNGHPVGEYLRDVQKNALKGLWEGIQANLIPGLDTAWFFRTFVAAQPQDPAAADQQGAMSFDA
IWPQVTKLNLYDPLTLLAALPGAARLLFQPTPMHREGASPVEHVGHAEVVRPEKARLLLSALAKAALAQQDEGQRGR
;
B
#
loop_
_chem_comp.id
_chem_comp.type
_chem_comp.name
_chem_comp.formula
CA non-polymer 'CALCIUM ION' 'Ca 2'
#
# COMPACT_ATOMS: atom_id res chain seq x y z
N ILE A 526 44.32 21.11 -27.21
CA ILE A 526 42.96 21.51 -26.87
C ILE A 526 42.78 21.51 -25.36
N GLU A 527 43.30 20.48 -24.70
CA GLU A 527 43.39 20.36 -23.25
C GLU A 527 42.02 20.16 -22.58
N GLY A 528 40.93 20.24 -23.34
CA GLY A 528 39.61 20.06 -22.75
C GLY A 528 38.53 19.91 -23.79
N LEU A 529 37.68 18.91 -23.63
CA LEU A 529 36.62 18.62 -24.60
C LEU A 529 35.37 18.17 -23.86
N LEU A 530 34.26 18.87 -24.10
CA LEU A 530 32.97 18.52 -23.51
C LEU A 530 31.96 18.44 -24.64
N LEU A 531 31.55 17.22 -25.00
CA LEU A 531 30.68 17.01 -26.14
C LEU A 531 29.24 17.31 -25.74
N THR A 532 28.64 18.30 -26.40
CA THR A 532 27.29 18.75 -26.09
C THR A 532 26.28 17.91 -26.86
N GLU A 533 25.04 18.38 -26.91
CA GLU A 533 23.96 17.62 -27.52
C GLU A 533 24.22 17.42 -29.01
N PRO A 534 23.85 16.27 -29.58
CA PRO A 534 24.11 16.02 -31.01
C PRO A 534 23.13 16.68 -31.96
N GLU A 535 22.00 17.19 -31.46
CA GLU A 535 21.00 17.81 -32.33
C GLU A 535 21.31 19.28 -32.59
N GLN A 536 22.57 19.56 -32.90
CA GLN A 536 23.00 20.92 -33.21
C GLN A 536 23.90 21.03 -34.43
N PHE A 537 24.48 19.94 -34.92
CA PHE A 537 25.35 20.00 -36.09
C PHE A 537 24.62 19.52 -37.35
N GLU A 538 24.14 18.27 -37.34
CA GLU A 538 23.40 17.66 -38.44
C GLU A 538 24.27 17.48 -39.70
N GLU A 539 25.58 17.28 -39.53
CA GLU A 539 26.42 16.81 -40.63
C GLU A 539 27.37 15.69 -40.23
N GLY A 540 27.56 15.41 -38.95
CA GLY A 540 28.51 14.41 -38.52
C GLY A 540 29.80 14.93 -37.94
N GLU A 541 29.90 16.23 -37.66
CA GLU A 541 31.10 16.75 -37.03
C GLU A 541 31.32 16.12 -35.66
N LEU A 542 30.25 15.77 -34.96
CA LEU A 542 30.38 15.22 -33.62
C LEU A 542 31.14 13.89 -33.63
N GLU A 543 30.83 13.03 -34.60
CA GLU A 543 31.60 11.79 -34.74
C GLU A 543 33.04 12.07 -35.16
N TYR A 544 33.26 13.16 -35.90
CA TYR A 544 34.60 13.47 -36.39
C TYR A 544 35.52 13.87 -35.24
N MET A 545 34.99 14.60 -34.25
CA MET A 545 35.84 15.12 -33.18
C MET A 545 36.50 14.00 -32.38
N TYR A 546 35.74 12.95 -32.06
CA TYR A 546 36.27 11.83 -31.30
C TYR A 546 36.78 10.71 -32.20
N SER A 547 36.76 10.89 -33.51
CA SER A 547 37.30 9.89 -34.42
C SER A 547 38.82 9.76 -34.22
N ALA A 548 39.34 8.59 -34.60
CA ALA A 548 40.74 8.29 -34.31
C ALA A 548 41.69 9.27 -34.98
N GLU A 549 41.40 9.65 -36.23
CA GLU A 549 42.30 10.54 -36.95
C GLU A 549 42.32 11.94 -36.35
N ALA A 550 41.26 12.34 -35.66
CA ALA A 550 41.21 13.69 -35.10
C ALA A 550 42.07 13.82 -33.84
N LEU A 551 42.12 12.77 -33.02
CA LEU A 551 42.86 12.85 -31.77
C LEU A 551 44.37 12.85 -31.96
N LYS A 552 44.87 12.59 -33.17
CA LYS A 552 46.31 12.66 -33.41
C LYS A 552 46.83 14.08 -33.19
N LYS A 553 46.08 15.08 -33.65
CA LYS A 553 46.51 16.47 -33.52
C LYS A 553 46.53 16.94 -32.08
N THR A 554 45.89 16.21 -31.16
CA THR A 554 45.76 16.65 -29.78
C THR A 554 47.12 16.80 -29.10
N ARG A 555 47.83 15.69 -28.91
CA ARG A 555 49.17 15.65 -28.32
C ARG A 555 49.13 16.07 -26.85
N ARG A 556 47.97 16.51 -26.37
CA ARG A 556 47.78 16.85 -24.96
C ARG A 556 46.29 16.89 -24.68
N LEU A 557 45.83 16.04 -23.78
CA LEU A 557 44.42 15.99 -23.45
C LEU A 557 44.27 15.41 -22.05
N ARG A 558 43.39 16.01 -21.25
CA ARG A 558 43.21 15.60 -19.86
C ARG A 558 41.80 15.17 -19.53
N ILE A 559 40.79 15.90 -20.01
CA ILE A 559 39.39 15.65 -19.68
C ILE A 559 38.66 15.26 -20.95
N LEU A 560 37.84 14.21 -20.87
CA LEU A 560 36.98 13.81 -21.98
C LEU A 560 35.68 13.29 -21.40
N VAL A 561 34.59 14.03 -21.60
CA VAL A 561 33.29 13.67 -21.09
C VAL A 561 32.32 13.53 -22.26
N LYS A 562 31.47 12.51 -22.21
CA LYS A 562 30.39 12.35 -23.16
C LYS A 562 29.08 12.29 -22.37
N GLU A 563 28.52 13.46 -22.08
CA GLU A 563 27.34 13.55 -21.23
C GLU A 563 26.04 13.35 -22.00
N TYR A 564 26.09 13.20 -23.32
CA TYR A 564 24.90 13.01 -24.14
C TYR A 564 24.74 11.53 -24.44
N TYR A 565 23.52 11.03 -24.28
CA TYR A 565 23.22 9.66 -24.68
C TYR A 565 23.11 9.59 -26.20
N ASN A 566 23.54 8.46 -26.75
CA ASN A 566 23.47 8.27 -28.19
C ASN A 566 22.03 8.15 -28.66
N ARG A 567 21.69 8.88 -29.72
CA ARG A 567 20.32 8.86 -30.21
C ARG A 567 19.99 7.54 -30.88
N GLY A 568 20.63 7.26 -32.02
CA GLY A 568 20.41 6.00 -32.70
C GLY A 568 21.67 5.36 -33.24
N PHE A 569 22.77 6.11 -33.24
CA PHE A 569 23.98 5.69 -33.94
C PHE A 569 25.19 5.96 -33.09
N ASP A 570 26.25 5.20 -33.35
CA ASP A 570 27.52 5.36 -32.63
C ASP A 570 28.66 4.98 -33.57
N GLU A 571 29.84 5.49 -33.26
CA GLU A 571 31.05 5.13 -33.97
C GLU A 571 32.06 4.60 -32.96
N PRO A 572 32.55 3.37 -33.11
CA PRO A 572 33.51 2.83 -32.15
C PRO A 572 34.79 3.67 -32.10
N VAL A 573 35.32 3.83 -30.89
CA VAL A 573 36.55 4.58 -30.66
C VAL A 573 37.70 3.60 -30.52
N ALA A 574 38.82 3.89 -31.20
CA ALA A 574 39.92 2.95 -31.27
C ALA A 574 41.29 3.53 -30.95
N TYR A 575 41.39 4.81 -30.57
CA TYR A 575 42.68 5.40 -30.23
C TYR A 575 42.90 5.45 -28.72
N LEU A 576 42.05 6.18 -28.00
CA LEU A 576 42.22 6.41 -26.56
C LEU A 576 43.62 6.91 -26.27
N PRO A 577 43.92 8.18 -26.54
CA PRO A 577 45.29 8.68 -26.34
C PRO A 577 45.73 8.52 -24.89
N ASN A 578 47.01 8.19 -24.71
CA ASN A 578 47.54 7.85 -23.39
C ASN A 578 47.92 9.08 -22.59
N SER A 579 46.98 10.01 -22.42
CA SER A 579 47.24 11.20 -21.63
C SER A 579 46.08 11.64 -20.74
N LEU A 580 44.96 10.91 -20.73
CA LEU A 580 43.78 11.35 -20.02
C LEU A 580 43.97 11.27 -18.51
N LEU A 581 43.14 12.03 -17.79
CA LEU A 581 43.07 11.96 -16.34
C LEU A 581 41.62 11.80 -15.89
N TRP A 582 40.69 12.32 -16.70
CA TRP A 582 39.28 12.40 -16.35
C TRP A 582 38.48 11.93 -17.55
N LEU A 583 37.70 10.85 -17.39
CA LEU A 583 37.03 10.23 -18.53
C LEU A 583 35.66 9.75 -18.13
N GLU A 584 34.63 10.22 -18.84
CA GLU A 584 33.26 9.72 -18.68
C GLU A 584 32.71 9.31 -20.03
N TRP A 585 32.29 8.05 -20.13
CA TRP A 585 31.71 7.52 -21.36
C TRP A 585 30.35 6.89 -21.10
N ARG A 586 29.48 7.02 -22.10
CA ARG A 586 28.14 6.48 -22.05
C ARG A 586 27.94 5.66 -23.31
N ASN A 587 27.34 4.49 -23.17
CA ASN A 587 27.05 3.59 -24.29
C ASN A 587 28.31 3.34 -25.12
N TYR A 588 29.29 2.71 -24.48
CA TYR A 588 30.57 2.45 -25.12
C TYR A 588 30.39 1.37 -26.18
N SER A 589 31.34 1.34 -27.11
CA SER A 589 31.36 0.39 -28.21
C SER A 589 31.76 -0.99 -27.69
N SER A 590 32.15 -1.87 -28.60
CA SER A 590 32.30 -3.30 -28.34
C SER A 590 33.27 -3.57 -27.18
N ASN A 591 33.29 -4.84 -26.78
CA ASN A 591 33.72 -5.29 -25.46
C ASN A 591 35.00 -4.63 -24.94
N SER A 592 36.11 -4.86 -25.60
CA SER A 592 37.41 -4.57 -25.00
C SER A 592 37.90 -3.16 -25.31
N PHE A 593 38.70 -2.63 -24.40
CA PHE A 593 39.44 -1.41 -24.65
C PHE A 593 40.52 -1.66 -25.70
N PRO A 594 41.02 -0.62 -26.35
CA PRO A 594 42.16 -0.79 -27.26
C PRO A 594 43.34 -1.40 -26.52
N SER A 595 44.02 -2.34 -27.18
CA SER A 595 45.12 -3.06 -26.56
C SER A 595 46.35 -2.18 -26.31
N ASN A 596 46.40 -1.00 -26.90
CA ASN A 596 47.52 -0.08 -26.71
C ASN A 596 47.21 1.04 -25.73
N PHE A 597 46.11 0.93 -24.97
CA PHE A 597 45.75 1.93 -23.99
C PHE A 597 46.46 1.62 -22.67
N GLU A 598 47.60 2.27 -22.46
CA GLU A 598 48.33 2.22 -21.20
C GLU A 598 48.58 3.65 -20.76
N PRO A 599 47.56 4.33 -20.24
CA PRO A 599 47.73 5.74 -19.87
C PRO A 599 48.80 5.97 -18.82
N SER A 600 49.01 5.00 -17.92
CA SER A 600 50.02 5.07 -16.87
C SER A 600 49.74 6.22 -15.91
N LYS A 601 48.62 6.90 -16.09
CA LYS A 601 48.21 7.98 -15.20
C LYS A 601 46.74 8.28 -15.47
N LEU A 602 45.94 8.24 -14.40
CA LEU A 602 44.51 8.46 -14.49
C LEU A 602 44.01 8.87 -13.11
N VAL A 603 42.82 9.46 -13.07
CA VAL A 603 42.22 9.85 -11.80
C VAL A 603 40.79 9.32 -11.71
N TYR A 604 39.98 9.62 -12.73
CA TYR A 604 38.54 9.46 -12.63
C TYR A 604 38.02 8.75 -13.87
N LEU A 605 37.35 7.61 -13.68
CA LEU A 605 36.80 6.83 -14.78
C LEU A 605 35.35 6.49 -14.48
N THR A 606 34.45 6.87 -15.39
CA THR A 606 33.04 6.57 -15.26
C THR A 606 32.51 5.97 -16.56
N MET A 607 31.80 4.85 -16.44
CA MET A 607 31.18 4.19 -17.58
C MET A 607 29.72 3.93 -17.26
N LYS A 608 28.83 4.48 -18.09
CA LYS A 608 27.40 4.19 -18.03
C LYS A 608 26.96 3.27 -19.16
N GLY A 609 27.91 2.69 -19.89
CA GLY A 609 27.61 1.92 -21.07
C GLY A 609 27.47 0.44 -20.81
N SER A 610 27.34 -0.31 -21.89
CA SER A 610 27.10 -1.74 -21.84
C SER A 610 28.05 -2.45 -22.80
N SER A 611 28.22 -3.76 -22.58
CA SER A 611 29.10 -4.61 -23.38
C SER A 611 30.54 -4.11 -23.33
N ILE A 612 31.06 -4.04 -22.10
CA ILE A 612 32.42 -3.60 -21.84
C ILE A 612 33.21 -4.70 -21.12
N ILE A 613 32.81 -5.96 -21.36
CA ILE A 613 33.44 -7.08 -20.67
C ILE A 613 34.95 -7.07 -20.90
N GLU A 614 35.70 -7.48 -19.87
CA GLU A 614 37.15 -7.57 -19.92
C GLU A 614 37.77 -6.20 -20.23
N LEU A 615 37.56 -5.28 -19.27
CA LEU A 615 38.13 -3.94 -19.36
C LEU A 615 39.59 -3.96 -19.79
N TRP A 616 40.39 -4.86 -19.20
CA TRP A 616 41.79 -4.99 -19.53
C TRP A 616 42.16 -6.46 -19.59
N ASN A 617 43.25 -6.77 -20.29
CA ASN A 617 43.73 -8.13 -20.36
C ASN A 617 44.20 -8.63 -18.99
N GLY A 618 44.70 -7.74 -18.15
CA GLY A 618 45.11 -8.09 -16.81
C GLY A 618 46.45 -7.46 -16.45
N ALA A 619 46.68 -7.34 -15.15
CA ALA A 619 47.94 -6.83 -14.59
C ALA A 619 48.27 -5.44 -15.13
N LYS A 620 47.26 -4.60 -15.26
CA LYS A 620 47.45 -3.24 -15.76
C LYS A 620 47.97 -2.35 -14.64
N ARG A 621 49.00 -1.56 -14.94
CA ARG A 621 49.64 -0.69 -13.96
C ARG A 621 49.01 0.68 -14.02
N LEU A 622 48.06 0.94 -13.13
CA LEU A 622 47.44 2.26 -12.98
C LEU A 622 47.86 2.81 -11.62
N ALA A 623 48.65 3.88 -11.64
CA ALA A 623 49.27 4.39 -10.41
C ALA A 623 48.37 5.36 -9.67
N PHE A 624 47.87 6.39 -10.34
CA PHE A 624 47.15 7.48 -9.69
C PHE A 624 45.65 7.30 -9.69
N LEU A 625 45.12 6.19 -10.22
CA LEU A 625 43.68 6.07 -10.41
C LEU A 625 42.98 5.96 -9.06
N THR A 626 41.96 6.79 -8.87
CA THR A 626 41.21 6.81 -7.62
C THR A 626 39.76 6.39 -7.80
N THR A 627 39.00 7.05 -8.67
CA THR A 627 37.55 6.86 -8.72
C THR A 627 37.16 5.97 -9.89
N LEU A 628 36.43 4.89 -9.60
CA LEU A 628 35.99 3.95 -10.61
C LEU A 628 34.48 3.73 -10.46
N ASP A 629 33.71 4.16 -11.45
CA ASP A 629 32.26 4.05 -11.39
C ASP A 629 31.79 3.30 -12.63
N LEU A 630 31.06 2.21 -12.44
CA LEU A 630 30.43 1.48 -13.53
C LEU A 630 28.96 1.29 -13.17
N SER A 631 28.09 1.94 -13.93
CA SER A 631 26.66 1.96 -13.62
C SER A 631 25.87 1.33 -14.75
N TYR A 632 25.02 0.37 -14.41
CA TYR A 632 24.13 -0.29 -15.34
C TYR A 632 24.89 -0.97 -16.48
N CYS A 633 26.12 -1.40 -16.22
CA CYS A 633 26.83 -2.27 -17.16
C CYS A 633 26.17 -3.64 -17.09
N HIS A 634 25.33 -3.94 -18.07
CA HIS A 634 24.37 -5.03 -17.96
C HIS A 634 24.95 -6.39 -18.34
N LYS A 635 26.21 -6.46 -18.75
CA LYS A 635 26.79 -7.76 -19.07
C LYS A 635 28.23 -7.92 -18.59
N LEU A 636 28.75 -7.01 -17.78
CA LEU A 636 30.11 -7.11 -17.25
C LEU A 636 30.33 -8.42 -16.51
N ILE A 637 31.19 -9.29 -17.04
CA ILE A 637 31.36 -10.61 -16.45
C ILE A 637 32.44 -10.67 -15.38
N GLN A 638 33.40 -9.75 -15.39
CA GLN A 638 34.49 -9.81 -14.41
C GLN A 638 35.20 -8.47 -14.36
N THR A 639 35.56 -8.06 -13.14
CA THR A 639 36.35 -6.86 -12.92
C THR A 639 37.82 -7.14 -13.22
N PRO A 640 38.60 -6.09 -13.52
CA PRO A 640 40.03 -6.30 -13.79
C PRO A 640 40.82 -6.70 -12.54
N ASP A 641 42.13 -6.84 -12.68
CA ASP A 641 42.98 -7.20 -11.57
C ASP A 641 43.42 -5.96 -10.79
N PHE A 642 43.58 -6.14 -9.48
CA PHE A 642 43.94 -5.05 -8.58
C PHE A 642 45.27 -5.30 -7.87
N ARG A 643 46.18 -6.02 -8.54
CA ARG A 643 47.43 -6.40 -7.88
C ARG A 643 48.33 -5.21 -7.63
N MET A 644 48.29 -4.21 -8.50
CA MET A 644 49.12 -3.01 -8.38
C MET A 644 48.31 -1.80 -7.95
N ILE A 645 47.21 -1.51 -8.66
CA ILE A 645 46.44 -0.30 -8.41
C ILE A 645 45.99 -0.24 -6.96
N THR A 646 46.25 0.90 -6.32
CA THR A 646 45.84 1.15 -4.94
C THR A 646 45.27 2.56 -4.88
N ASN A 647 45.06 3.05 -3.66
CA ASN A 647 44.51 4.39 -3.42
C ASN A 647 43.13 4.55 -4.05
N LEU A 648 42.41 3.45 -4.24
CA LEU A 648 41.10 3.48 -4.88
C LEU A 648 40.07 3.87 -3.82
N GLU A 649 39.47 5.05 -3.98
CA GLU A 649 38.65 5.66 -2.94
C GLU A 649 37.16 5.38 -3.13
N ARG A 650 36.64 5.48 -4.35
CA ARG A 650 35.27 5.10 -4.66
C ARG A 650 35.28 3.99 -5.71
N LEU A 651 34.63 2.87 -5.37
CA LEU A 651 34.36 1.80 -6.32
C LEU A 651 32.86 1.57 -6.33
N ILE A 652 32.21 1.91 -7.44
CA ILE A 652 30.76 1.85 -7.54
C ILE A 652 30.39 0.88 -8.65
N LEU A 653 29.58 -0.12 -8.31
CA LEU A 653 29.04 -1.07 -9.29
C LEU A 653 27.53 -1.15 -9.11
N SER A 654 26.80 -0.74 -10.14
CA SER A 654 25.34 -0.74 -10.06
C SER A 654 24.73 -1.49 -11.23
N SER A 655 23.69 -2.27 -10.92
CA SER A 655 22.88 -2.95 -11.93
C SER A 655 23.71 -3.87 -12.83
N CYS A 656 24.71 -4.52 -12.24
CA CYS A 656 25.51 -5.52 -12.96
C CYS A 656 24.76 -6.84 -12.90
N ASP A 657 24.08 -7.18 -13.99
CA ASP A 657 23.15 -8.32 -13.98
C ASP A 657 23.87 -9.66 -14.02
N ALA A 658 25.00 -9.76 -14.71
CA ALA A 658 25.74 -11.01 -14.84
C ALA A 658 27.13 -10.81 -14.27
N LEU A 659 27.26 -10.94 -12.95
CA LEU A 659 28.52 -10.75 -12.26
C LEU A 659 28.56 -11.70 -11.08
N VAL A 660 29.49 -12.66 -11.11
CA VAL A 660 29.52 -13.74 -10.13
C VAL A 660 30.86 -13.78 -9.39
N GLU A 661 31.66 -12.73 -9.49
CA GLU A 661 32.99 -12.75 -8.90
C GLU A 661 33.49 -11.31 -8.81
N VAL A 662 34.20 -11.00 -7.73
CA VAL A 662 34.60 -9.63 -7.43
C VAL A 662 36.12 -9.50 -7.30
N HIS A 663 36.88 -10.52 -7.72
CA HIS A 663 38.34 -10.47 -7.69
C HIS A 663 38.88 -10.13 -6.31
N PRO A 664 38.92 -11.11 -5.38
CA PRO A 664 39.16 -10.82 -3.96
C PRO A 664 40.38 -9.96 -3.66
N SER A 665 41.21 -9.69 -4.67
CA SER A 665 42.31 -8.75 -4.48
C SER A 665 41.79 -7.34 -4.18
N VAL A 666 40.51 -7.07 -4.44
CA VAL A 666 39.92 -5.78 -4.10
C VAL A 666 39.92 -5.57 -2.59
N GLY A 667 39.85 -6.66 -1.82
CA GLY A 667 39.83 -6.53 -0.37
C GLY A 667 41.16 -6.18 0.25
N PHE A 668 42.24 -6.17 -0.53
CA PHE A 668 43.57 -5.91 -0.01
C PHE A 668 43.95 -4.43 -0.08
N LEU A 669 43.08 -3.57 -0.61
CA LEU A 669 43.40 -2.15 -0.65
C LEU A 669 43.33 -1.55 0.75
N LYS A 670 44.36 -0.79 1.11
CA LYS A 670 44.45 -0.22 2.44
C LYS A 670 43.63 1.05 2.60
N ASN A 671 43.13 1.63 1.51
CA ASN A 671 42.35 2.88 1.57
C ASN A 671 41.16 2.75 0.62
N LEU A 672 40.03 2.27 1.15
CA LEU A 672 38.79 2.17 0.39
C LEU A 672 37.70 2.86 1.20
N ILE A 673 36.96 3.77 0.55
CA ILE A 673 36.05 4.67 1.25
C ILE A 673 34.59 4.33 0.92
N LEU A 674 34.25 4.27 -0.37
CA LEU A 674 32.86 4.02 -0.80
C LEU A 674 32.81 2.77 -1.68
N LEU A 675 32.37 1.66 -1.11
CA LEU A 675 32.12 0.43 -1.87
C LEU A 675 30.61 0.31 -2.07
N ASN A 676 30.17 0.46 -3.32
CA ASN A 676 28.76 0.41 -3.66
C ASN A 676 28.49 -0.82 -4.53
N MET A 677 27.53 -1.65 -4.11
CA MET A 677 27.15 -2.85 -4.85
C MET A 677 25.63 -2.88 -4.84
N ASP A 678 25.01 -2.40 -5.90
CA ASP A 678 23.57 -2.21 -5.90
C ASP A 678 22.90 -3.01 -7.01
N HIS A 679 21.78 -3.65 -6.67
CA HIS A 679 20.95 -4.39 -7.62
C HIS A 679 21.77 -5.43 -8.38
N CYS A 680 22.65 -6.11 -7.66
CA CYS A 680 23.51 -7.13 -8.23
C CYS A 680 22.73 -8.44 -8.24
N ILE A 681 22.13 -8.75 -9.38
CA ILE A 681 21.24 -9.91 -9.47
C ILE A 681 22.02 -11.21 -9.28
N SER A 682 23.18 -11.32 -9.92
CA SER A 682 23.92 -12.57 -9.96
C SER A 682 25.12 -12.60 -9.03
N LEU A 683 25.26 -11.60 -8.15
CA LEU A 683 26.42 -11.56 -7.25
C LEU A 683 26.40 -12.77 -6.32
N GLU A 684 27.56 -13.43 -6.19
CA GLU A 684 27.67 -14.63 -5.39
C GLU A 684 28.64 -14.48 -4.22
N ARG A 685 29.86 -14.03 -4.47
CA ARG A 685 30.89 -13.97 -3.44
C ARG A 685 31.62 -12.64 -3.48
N LEU A 686 31.84 -12.06 -2.30
CA LEU A 686 32.71 -10.89 -2.15
C LEU A 686 34.11 -11.38 -1.83
N PRO A 687 35.10 -10.49 -1.70
CA PRO A 687 36.39 -10.91 -1.13
C PRO A 687 36.20 -11.45 0.28
N ALA A 688 36.98 -12.48 0.61
CA ALA A 688 36.84 -13.12 1.91
C ALA A 688 37.31 -12.22 3.05
N ILE A 689 38.32 -11.39 2.80
CA ILE A 689 38.92 -10.54 3.82
C ILE A 689 38.87 -9.10 3.35
N ILE A 690 38.42 -8.21 4.23
CA ILE A 690 38.43 -6.77 3.97
C ILE A 690 39.51 -6.16 4.85
N GLN A 691 40.57 -5.65 4.24
CA GLN A 691 41.72 -5.13 4.95
C GLN A 691 41.67 -3.62 5.14
N SER A 692 40.68 -2.94 4.57
CA SER A 692 40.61 -1.48 4.65
C SER A 692 40.44 -1.04 6.10
N GLU A 693 41.14 0.03 6.47
CA GLU A 693 41.11 0.55 7.82
C GLU A 693 40.13 1.70 8.00
N CYS A 694 39.84 2.46 6.95
CA CYS A 694 38.89 3.57 7.01
C CYS A 694 37.89 3.40 5.88
N LEU A 695 36.83 2.64 6.13
CA LEU A 695 35.76 2.42 5.18
C LEU A 695 34.52 3.11 5.71
N GLU A 696 33.95 4.02 4.91
CA GLU A 696 32.81 4.83 5.34
C GLU A 696 31.49 4.28 4.84
N VAL A 697 31.36 4.02 3.53
CA VAL A 697 30.09 3.56 2.97
C VAL A 697 30.31 2.18 2.37
N LEU A 698 29.53 1.21 2.84
CA LEU A 698 29.53 -0.14 2.29
C LEU A 698 28.08 -0.53 2.05
N ASP A 699 27.67 -0.55 0.79
CA ASP A 699 26.28 -0.80 0.43
C ASP A 699 26.18 -2.10 -0.34
N LEU A 700 25.35 -3.02 0.16
CA LEU A 700 25.03 -4.29 -0.50
C LEU A 700 23.51 -4.34 -0.56
N ASN A 701 22.94 -3.96 -1.70
CA ASN A 701 21.49 -3.78 -1.78
C ASN A 701 20.87 -4.76 -2.77
N TYR A 702 19.83 -5.45 -2.31
CA TYR A 702 18.96 -6.27 -3.17
C TYR A 702 19.74 -7.35 -3.90
N CYS A 703 20.81 -7.86 -3.29
CA CYS A 703 21.59 -8.92 -3.93
C CYS A 703 20.82 -10.24 -3.94
N PHE A 704 20.28 -10.63 -2.79
CA PHE A 704 19.43 -11.80 -2.60
C PHE A 704 20.03 -13.08 -3.16
N ASN A 705 21.32 -13.07 -3.48
CA ASN A 705 21.97 -14.28 -3.98
C ASN A 705 23.37 -14.46 -3.40
N LEU A 706 23.65 -13.81 -2.27
CA LEU A 706 24.96 -13.90 -1.66
C LEU A 706 25.11 -15.22 -0.90
N LYS A 707 26.33 -15.49 -0.46
CA LYS A 707 26.63 -16.71 0.29
C LYS A 707 27.17 -16.45 1.68
N MET A 708 28.08 -15.49 1.84
CA MET A 708 28.70 -15.27 3.14
C MET A 708 29.20 -13.83 3.23
N PHE A 709 28.93 -13.19 4.36
CA PHE A 709 29.49 -11.87 4.61
C PHE A 709 30.97 -11.98 4.91
N PRO A 710 31.81 -11.11 4.33
CA PRO A 710 33.24 -11.19 4.59
C PRO A 710 33.58 -10.91 6.05
N GLU A 711 34.65 -11.52 6.51
CA GLU A 711 35.14 -11.35 7.88
C GLU A 711 36.21 -10.27 7.90
N VAL A 712 36.05 -9.30 8.79
CA VAL A 712 36.97 -8.18 8.88
C VAL A 712 37.94 -8.44 10.02
N GLU A 713 39.09 -7.77 9.96
CA GLU A 713 40.16 -7.97 10.93
C GLU A 713 40.23 -6.86 11.98
N ARG A 714 40.39 -5.62 11.54
CA ARG A 714 40.66 -4.52 12.45
C ARG A 714 39.36 -3.81 12.84
N ASN A 715 39.49 -2.71 13.58
CA ASN A 715 38.35 -1.89 14.00
C ASN A 715 38.20 -0.72 13.04
N MET A 716 37.01 -0.58 12.47
CA MET A 716 36.68 0.58 11.63
C MET A 716 36.01 1.63 12.50
N THR A 717 36.84 2.45 13.14
CA THR A 717 36.30 3.57 13.92
C THR A 717 35.59 4.57 13.02
N HIS A 718 36.15 4.82 11.84
CA HIS A 718 35.54 5.70 10.85
C HIS A 718 34.64 4.87 9.94
N LEU A 719 33.34 4.94 10.16
CA LEU A 719 32.37 4.31 9.28
C LEU A 719 31.03 5.00 9.47
N LYS A 720 30.29 5.18 8.38
CA LYS A 720 29.04 5.90 8.42
C LYS A 720 27.84 5.04 8.02
N LYS A 721 27.90 4.36 6.87
CA LYS A 721 26.76 3.62 6.37
C LYS A 721 27.15 2.20 6.04
N LEU A 722 26.43 1.24 6.63
CA LEU A 722 26.51 -0.17 6.26
C LEU A 722 25.10 -0.58 5.87
N ASP A 723 24.86 -0.70 4.56
CA ASP A 723 23.57 -1.12 4.06
C ASP A 723 23.64 -2.58 3.66
N LEU A 724 22.74 -3.39 4.21
CA LEU A 724 22.65 -4.81 3.88
C LEU A 724 21.16 -5.11 3.71
N THR A 725 20.67 -5.03 2.49
CA THR A 725 19.22 -5.07 2.27
C THR A 725 18.84 -6.18 1.31
N SER A 726 17.87 -7.00 1.73
CA SER A 726 17.32 -8.07 0.90
C SER A 726 18.42 -8.98 0.36
N THR A 727 19.34 -9.35 1.24
CA THR A 727 20.48 -10.18 0.89
C THR A 727 20.25 -11.61 1.34
N GLY A 728 20.58 -12.57 0.47
CA GLY A 728 20.41 -13.97 0.80
C GLY A 728 21.57 -14.54 1.57
N ILE A 729 21.95 -13.88 2.66
CA ILE A 729 23.07 -14.36 3.48
C ILE A 729 22.64 -15.58 4.28
N ARG A 730 23.63 -16.34 4.74
CA ARG A 730 23.39 -17.53 5.54
C ARG A 730 23.55 -17.28 7.04
N GLU A 731 24.61 -16.60 7.44
CA GLU A 731 24.78 -16.13 8.81
C GLU A 731 25.95 -15.17 8.85
N LEU A 732 25.87 -14.21 9.76
CA LEU A 732 26.98 -13.29 9.95
C LEU A 732 28.16 -14.01 10.61
N PRO A 733 29.38 -13.64 10.27
CA PRO A 733 30.55 -14.23 10.95
C PRO A 733 30.71 -13.67 12.35
N ALA A 734 31.74 -14.13 13.07
CA ALA A 734 31.96 -13.68 14.44
C ALA A 734 32.75 -12.39 14.51
N SER A 735 33.12 -11.80 13.38
CA SER A 735 33.90 -10.56 13.34
C SER A 735 33.03 -9.32 13.33
N ILE A 736 31.71 -9.47 13.45
CA ILE A 736 30.80 -8.34 13.40
C ILE A 736 30.98 -7.40 14.59
N GLU A 737 31.65 -7.84 15.66
CA GLU A 737 31.86 -6.98 16.82
C GLU A 737 32.56 -5.68 16.43
N HIS A 738 33.43 -5.73 15.42
CA HIS A 738 34.10 -4.52 14.95
C HIS A 738 33.08 -3.53 14.41
N LEU A 739 32.13 -4.01 13.61
CA LEU A 739 31.07 -3.19 13.07
C LEU A 739 30.18 -2.66 14.18
N SER A 740 30.47 -3.06 15.42
CA SER A 740 29.86 -2.44 16.59
C SER A 740 30.16 -0.96 16.68
N SER A 741 31.01 -0.43 15.82
CA SER A 741 31.15 1.02 15.72
C SER A 741 29.92 1.69 15.10
N LEU A 742 28.94 0.92 14.62
CA LEU A 742 27.73 1.46 14.02
C LEU A 742 26.56 1.56 14.99
N GLU A 743 26.55 0.74 16.04
CA GLU A 743 25.55 0.75 17.11
C GLU A 743 24.11 0.55 16.64
N ASN A 744 23.90 0.30 15.34
CA ASN A 744 22.57 -0.06 14.87
C ASN A 744 22.68 -1.21 13.88
N LEU A 745 21.61 -2.01 13.80
CA LEU A 745 21.57 -3.14 12.90
C LEU A 745 20.13 -3.37 12.48
N GLN A 746 19.83 -3.05 11.22
CA GLN A 746 18.51 -3.24 10.64
C GLN A 746 18.59 -4.34 9.60
N MET A 747 17.75 -5.36 9.75
CA MET A 747 17.67 -6.47 8.81
C MET A 747 16.23 -6.60 8.34
N HIS A 748 16.03 -6.56 7.02
CA HIS A 748 14.70 -6.58 6.44
C HIS A 748 14.67 -7.56 5.28
N SER A 749 13.66 -8.43 5.27
CA SER A 749 13.39 -9.36 4.17
C SER A 749 14.55 -10.32 3.93
N CYS A 750 15.43 -10.52 4.91
CA CYS A 750 16.50 -11.51 4.79
C CYS A 750 15.88 -12.89 4.92
N ASN A 751 15.72 -13.58 3.80
CA ASN A 751 14.93 -14.81 3.74
C ASN A 751 15.79 -16.06 3.61
N GLN A 752 17.06 -15.99 4.00
CA GLN A 752 17.93 -17.16 3.85
C GLN A 752 18.70 -17.48 5.12
N LEU A 753 18.96 -16.48 5.96
CA LEU A 753 19.78 -16.70 7.13
C LEU A 753 19.01 -17.52 8.17
N VAL A 754 19.75 -18.31 8.93
CA VAL A 754 19.15 -19.15 9.97
C VAL A 754 19.75 -18.94 11.34
N SER A 755 20.90 -18.28 11.46
CA SER A 755 21.53 -18.09 12.75
C SER A 755 22.28 -16.76 12.76
N LEU A 756 22.52 -16.25 13.96
CA LEU A 756 23.26 -15.01 14.15
C LEU A 756 24.31 -15.20 15.22
N PRO A 757 25.45 -14.51 15.11
CA PRO A 757 26.47 -14.61 16.14
C PRO A 757 26.12 -13.78 17.37
N SER A 758 26.78 -14.11 18.48
CA SER A 758 26.59 -13.37 19.71
C SER A 758 27.12 -11.95 19.62
N SER A 759 28.02 -11.68 18.67
CA SER A 759 28.60 -10.35 18.54
C SER A 759 27.54 -9.30 18.25
N ILE A 760 26.43 -9.70 17.61
CA ILE A 760 25.36 -8.75 17.32
C ILE A 760 24.79 -8.14 18.59
N TRP A 761 25.01 -8.79 19.74
CA TRP A 761 24.52 -8.23 20.99
C TRP A 761 25.28 -6.99 21.41
N ARG A 762 26.38 -6.66 20.74
CA ARG A 762 27.14 -5.44 21.00
C ARG A 762 26.58 -4.23 20.25
N PHE A 763 25.32 -4.29 19.83
CA PHE A 763 24.69 -3.21 19.09
C PHE A 763 23.61 -2.54 19.93
N ARG A 764 23.50 -1.22 19.80
CA ARG A 764 22.58 -0.45 20.62
C ARG A 764 21.14 -0.63 20.17
N ASN A 765 20.92 -0.65 18.85
CA ASN A 765 19.61 -0.83 18.25
C ASN A 765 19.64 -2.05 17.33
N LEU A 766 18.65 -2.93 17.48
CA LEU A 766 18.48 -4.07 16.58
C LEU A 766 17.03 -4.13 16.13
N LYS A 767 16.84 -4.22 14.81
CA LYS A 767 15.50 -4.29 14.21
C LYS A 767 15.52 -5.39 13.16
N ILE A 768 14.96 -6.56 13.50
CA ILE A 768 14.92 -7.70 12.59
C ILE A 768 13.48 -7.89 12.15
N SER A 769 13.27 -7.95 10.83
CA SER A 769 11.92 -8.06 10.29
C SER A 769 11.90 -8.95 9.07
N GLU A 770 10.82 -9.72 8.93
CA GLU A 770 10.54 -10.53 7.74
C GLU A 770 11.67 -11.52 7.47
N CYS A 771 11.86 -12.44 8.41
CA CYS A 771 12.75 -13.58 8.25
C CYS A 771 11.88 -14.83 8.35
N GLU A 772 11.59 -15.44 7.20
CA GLU A 772 10.66 -16.56 7.16
C GLU A 772 11.19 -17.79 7.91
N LYS A 773 12.50 -17.90 8.08
CA LYS A 773 13.07 -19.09 8.73
C LYS A 773 14.31 -18.66 9.52
N LEU A 774 14.13 -18.44 10.82
CA LEU A 774 15.23 -18.20 11.73
C LEU A 774 15.38 -19.32 12.75
N GLY A 775 14.31 -19.63 13.48
CA GLY A 775 14.29 -20.77 14.37
C GLY A 775 14.97 -20.60 15.71
N SER A 776 15.92 -19.66 15.82
CA SER A 776 16.67 -19.50 17.06
C SER A 776 17.28 -18.11 17.10
N LEU A 777 17.73 -17.74 18.30
CA LEU A 777 18.43 -16.49 18.56
C LEU A 777 19.74 -16.80 19.25
N PRO A 778 20.79 -16.03 18.99
CA PRO A 778 22.10 -16.34 19.59
C PRO A 778 22.06 -16.29 21.10
N GLU A 779 22.77 -17.22 21.72
CA GLU A 779 22.91 -17.23 23.17
C GLU A 779 23.72 -16.02 23.63
N ILE A 780 23.36 -15.49 24.78
CA ILE A 780 24.01 -14.30 25.31
C ILE A 780 25.26 -14.74 26.07
N HIS A 781 26.41 -14.22 25.65
CA HIS A 781 27.70 -14.63 26.19
C HIS A 781 28.22 -13.73 27.30
N GLY A 782 27.53 -12.63 27.60
CA GLY A 782 27.98 -11.70 28.61
C GLY A 782 29.08 -10.76 28.17
N ASN A 783 29.49 -10.82 26.90
CA ASN A 783 30.51 -9.91 26.41
C ASN A 783 29.96 -8.50 26.20
N SER A 784 28.68 -8.37 25.87
CA SER A 784 28.06 -7.09 25.61
C SER A 784 27.10 -6.76 26.74
N ASN A 785 27.14 -5.51 27.21
CA ASN A 785 26.23 -5.04 28.25
C ASN A 785 25.40 -3.84 27.80
N CYS A 786 25.50 -3.43 26.54
CA CYS A 786 24.80 -2.25 26.03
C CYS A 786 23.91 -2.64 24.87
N THR A 787 22.60 -2.52 25.07
CA THR A 787 21.59 -2.69 24.03
C THR A 787 20.25 -2.19 24.56
N ARG A 788 19.57 -1.32 23.84
CA ARG A 788 18.31 -0.78 24.35
C ARG A 788 17.14 -0.96 23.40
N GLU A 789 17.39 -1.01 22.09
CA GLU A 789 16.32 -1.12 21.11
C GLU A 789 16.25 -2.55 20.61
N LEU A 790 15.13 -3.23 20.83
CA LEU A 790 14.89 -4.56 20.29
C LEU A 790 13.54 -4.58 19.59
N ILE A 791 13.56 -4.78 18.27
CA ILE A 791 12.33 -4.89 17.49
C ILE A 791 12.39 -6.18 16.68
N LEU A 792 11.35 -7.01 16.81
CA LEU A 792 11.27 -8.27 16.09
C LEU A 792 9.92 -8.36 15.39
N LYS A 793 9.94 -8.63 14.09
CA LYS A 793 8.73 -8.72 13.30
C LYS A 793 8.83 -9.89 12.32
N LEU A 794 7.71 -10.60 12.15
CA LEU A 794 7.59 -11.65 11.12
C LEU A 794 8.72 -12.68 11.22
N VAL A 795 9.03 -13.09 12.45
CA VAL A 795 10.14 -13.98 12.70
C VAL A 795 9.64 -15.25 13.36
N SER A 796 10.34 -16.35 13.12
CA SER A 796 10.03 -17.64 13.74
C SER A 796 11.01 -17.85 14.89
N ILE A 797 10.68 -17.32 16.05
CA ILE A 797 11.51 -17.46 17.25
C ILE A 797 10.70 -18.21 18.29
N LYS A 798 11.16 -19.42 18.64
CA LYS A 798 10.40 -20.26 19.57
C LYS A 798 10.41 -19.67 20.97
N GLU A 799 11.59 -19.57 21.59
CA GLU A 799 11.76 -18.87 22.85
C GLU A 799 12.98 -17.97 22.78
N LEU A 800 13.05 -17.03 23.72
CA LEU A 800 14.23 -16.20 23.88
C LEU A 800 15.36 -17.03 24.51
N PRO A 801 16.62 -16.56 24.38
CA PRO A 801 17.76 -17.37 24.86
C PRO A 801 17.80 -17.63 26.36
N THR A 802 16.79 -17.19 27.10
CA THR A 802 16.63 -17.43 28.53
C THR A 802 17.77 -16.84 29.37
N SER A 803 18.59 -15.97 28.79
CA SER A 803 19.66 -15.30 29.51
C SER A 803 19.66 -13.81 29.19
N ILE A 804 18.47 -13.23 29.07
CA ILE A 804 18.35 -11.84 28.65
C ILE A 804 18.80 -10.88 29.74
N GLY A 805 18.84 -11.34 31.00
CA GLY A 805 19.14 -10.44 32.09
C GLY A 805 20.52 -9.82 32.04
N ASN A 806 21.48 -10.52 31.41
CA ASN A 806 22.85 -10.02 31.37
C ASN A 806 22.99 -8.72 30.59
N LEU A 807 22.07 -8.43 29.66
CA LEU A 807 22.14 -7.17 28.93
C LEU A 807 21.88 -5.98 29.84
N THR A 808 20.90 -6.10 30.74
CA THR A 808 20.55 -5.12 31.77
C THR A 808 20.62 -3.67 31.29
N SER A 809 20.29 -3.45 30.02
CA SER A 809 20.28 -2.10 29.47
C SER A 809 19.11 -1.84 28.51
N LEU A 810 18.19 -2.78 28.35
CA LEU A 810 17.10 -2.60 27.39
C LEU A 810 16.14 -1.51 27.85
N ASN A 811 15.57 -0.81 26.88
CA ASN A 811 14.53 0.19 27.12
C ASN A 811 13.24 -0.11 26.37
N PHE A 812 13.35 -0.59 25.12
CA PHE A 812 12.18 -0.81 24.26
C PHE A 812 12.27 -2.22 23.70
N LEU A 813 11.23 -3.02 23.93
CA LEU A 813 11.14 -4.38 23.40
C LEU A 813 9.80 -4.55 22.72
N GLU A 814 9.84 -4.81 21.41
CA GLU A 814 8.62 -5.02 20.64
C GLU A 814 8.70 -6.34 19.89
N ILE A 815 7.68 -7.17 20.06
CA ILE A 815 7.51 -8.40 19.30
C ILE A 815 6.18 -8.30 18.57
N CYS A 816 6.22 -8.35 17.25
CA CYS A 816 5.04 -8.07 16.42
C CYS A 816 4.80 -9.22 15.45
N ASN A 817 3.69 -9.91 15.63
CA ASN A 817 3.12 -10.85 14.66
C ASN A 817 4.14 -11.95 14.33
N CYS A 818 4.37 -12.78 15.35
CA CYS A 818 5.15 -14.01 15.20
C CYS A 818 4.21 -15.20 15.37
N LYS A 819 4.21 -16.10 14.39
CA LYS A 819 3.26 -17.20 14.38
C LYS A 819 3.59 -18.26 15.43
N THR A 820 4.86 -18.40 15.80
CA THR A 820 5.31 -19.41 16.75
C THR A 820 6.14 -18.72 17.83
N ILE A 821 5.47 -18.20 18.85
CA ILE A 821 6.13 -17.54 19.97
C ILE A 821 5.57 -18.15 21.25
N SER A 822 5.21 -19.43 21.19
CA SER A 822 4.48 -20.13 22.25
C SER A 822 5.01 -19.80 23.65
N SER A 823 6.29 -20.06 23.90
CA SER A 823 6.91 -19.77 25.18
C SER A 823 7.79 -18.53 25.04
N LEU A 824 7.58 -17.55 25.91
CA LEU A 824 8.29 -16.28 25.76
C LEU A 824 9.70 -16.37 26.31
N SER A 825 9.84 -16.56 27.62
CA SER A 825 11.15 -16.72 28.27
C SER A 825 10.97 -17.01 29.75
N SER A 826 12.08 -17.17 30.46
CA SER A 826 12.07 -17.37 31.90
C SER A 826 12.83 -16.23 32.57
N SER A 827 12.26 -15.70 33.65
CA SER A 827 12.87 -14.62 34.43
C SER A 827 13.21 -13.41 33.56
N ILE A 828 12.29 -13.05 32.66
CA ILE A 828 12.47 -11.85 31.85
C ILE A 828 12.35 -10.59 32.69
N TRP A 829 11.81 -10.71 33.90
CA TRP A 829 11.54 -9.56 34.75
C TRP A 829 12.77 -9.06 35.49
N GLY A 830 13.96 -9.44 35.05
CA GLY A 830 15.18 -8.96 35.67
C GLY A 830 16.00 -8.09 34.74
N LEU A 831 15.35 -7.42 33.80
CA LEU A 831 16.04 -6.57 32.83
C LEU A 831 16.35 -5.19 33.36
N THR A 832 16.33 -5.00 34.69
CA THR A 832 16.66 -3.73 35.32
C THR A 832 15.76 -2.61 34.80
N SER A 833 14.47 -2.78 35.11
CA SER A 833 13.43 -1.76 34.88
C SER A 833 13.33 -1.38 33.39
N LEU A 834 12.87 -2.36 32.61
CA LEU A 834 12.41 -2.09 31.25
C LEU A 834 11.35 -1.00 31.26
N THR A 835 11.14 -0.40 30.09
CA THR A 835 10.23 0.75 29.96
C THR A 835 9.05 0.48 29.03
N THR A 836 9.32 -0.02 27.81
CA THR A 836 8.28 -0.25 26.82
C THR A 836 8.25 -1.72 26.45
N LEU A 837 7.09 -2.35 26.63
CA LEU A 837 6.88 -3.75 26.30
C LEU A 837 5.67 -3.86 25.38
N LYS A 838 5.89 -4.31 24.15
CA LYS A 838 4.82 -4.41 23.16
C LYS A 838 4.77 -5.84 22.61
N LEU A 839 3.61 -6.47 22.71
CA LEU A 839 3.36 -7.82 22.21
C LEU A 839 2.12 -7.76 21.31
N LEU A 840 2.32 -7.85 20.00
CA LEU A 840 1.24 -7.75 19.04
C LEU A 840 1.11 -9.04 18.23
N ASP A 841 -0.12 -9.48 18.02
CA ASP A 841 -0.43 -10.65 17.19
C ASP A 841 0.34 -11.88 17.64
N CYS A 842 0.47 -12.05 18.96
CA CYS A 842 1.07 -13.25 19.53
C CYS A 842 -0.01 -14.32 19.59
N ARG A 843 -0.29 -14.91 18.43
CA ARG A 843 -1.42 -15.82 18.28
C ARG A 843 -1.29 -17.08 19.10
N LYS A 844 -0.07 -17.51 19.44
CA LYS A 844 0.14 -18.75 20.17
C LYS A 844 0.87 -18.55 21.49
N LEU A 845 1.15 -17.32 21.89
CA LEU A 845 1.87 -17.08 23.13
C LEU A 845 0.94 -17.36 24.32
N LYS A 846 1.38 -18.24 25.21
CA LYS A 846 0.53 -18.75 26.28
C LYS A 846 0.70 -17.91 27.56
N ASN A 847 0.22 -18.46 28.67
CA ASN A 847 0.21 -17.73 29.94
C ASN A 847 1.63 -17.30 30.34
N LEU A 848 1.74 -16.06 30.81
CA LEU A 848 3.05 -15.51 31.15
C LEU A 848 3.60 -16.15 32.42
N PRO A 849 4.94 -16.20 32.54
CA PRO A 849 5.53 -16.86 33.73
C PRO A 849 5.13 -16.24 35.05
N GLY A 850 4.99 -14.93 35.12
CA GLY A 850 4.63 -14.27 36.36
C GLY A 850 5.80 -13.49 36.94
N ILE A 851 5.49 -12.30 37.45
CA ILE A 851 6.53 -11.41 37.98
C ILE A 851 6.97 -11.92 39.35
N PRO A 852 8.27 -12.02 39.62
CA PRO A 852 8.77 -12.45 40.94
C PRO A 852 8.47 -11.44 42.04
N LEU A 878 11.07 -4.55 38.78
CA LEU A 878 11.00 -3.47 37.81
C LEU A 878 10.24 -2.28 38.39
N ASP A 879 10.71 -1.08 38.08
CA ASP A 879 10.08 0.13 38.60
C ASP A 879 9.97 1.26 37.59
N LEU A 880 10.46 1.08 36.36
CA LEU A 880 10.36 2.09 35.32
C LEU A 880 9.62 1.57 34.09
N LEU A 881 8.53 0.84 34.32
CA LEU A 881 7.67 0.35 33.24
C LEU A 881 6.49 1.30 33.03
N ARG A 882 6.51 2.04 31.93
CA ARG A 882 5.39 2.87 31.45
C ARG A 882 4.43 2.15 30.52
N ILE A 883 4.96 1.37 29.57
CA ILE A 883 4.17 0.91 28.43
C ILE A 883 4.01 -0.60 28.52
N ILE A 884 2.76 -1.07 28.61
CA ILE A 884 2.45 -2.49 28.45
C ILE A 884 1.33 -2.58 27.43
N ASP A 885 1.63 -3.15 26.26
CA ASP A 885 0.64 -3.33 25.22
C ASP A 885 0.60 -4.81 24.84
N MET A 886 -0.58 -5.40 24.89
CA MET A 886 -0.80 -6.74 24.36
C MET A 886 -2.04 -6.72 23.49
N SER A 887 -1.87 -7.13 22.23
CA SER A 887 -2.94 -7.02 21.24
C SER A 887 -3.08 -8.31 20.47
N TRP A 888 -4.33 -8.75 20.31
CA TRP A 888 -4.68 -9.91 19.48
C TRP A 888 -3.95 -11.17 19.93
N CYS A 889 -3.72 -11.31 21.24
CA CYS A 889 -3.17 -12.54 21.80
C CYS A 889 -4.34 -13.46 22.08
N SER A 890 -4.60 -14.39 21.17
CA SER A 890 -5.77 -15.26 21.31
C SER A 890 -5.55 -16.33 22.38
N CYS A 891 -4.37 -16.94 22.40
CA CYS A 891 -4.17 -18.13 23.23
C CYS A 891 -4.00 -17.83 24.70
N ILE A 892 -3.75 -16.57 25.09
CA ILE A 892 -3.54 -16.25 26.50
C ILE A 892 -4.87 -16.41 27.24
N SER A 893 -4.82 -17.06 28.39
CA SER A 893 -6.01 -17.34 29.19
C SER A 893 -6.15 -16.47 30.42
N SER A 894 -5.04 -15.96 30.97
CA SER A 894 -5.11 -15.13 32.17
C SER A 894 -3.84 -14.31 32.27
N LEU A 895 -3.88 -13.31 33.13
CA LEU A 895 -2.74 -12.47 33.45
C LEU A 895 -2.18 -12.85 34.82
N PRO A 896 -0.86 -12.78 35.00
CA PRO A 896 -0.30 -13.05 36.32
C PRO A 896 -0.83 -12.07 37.36
N HIS A 897 -1.08 -12.58 38.56
CA HIS A 897 -1.68 -11.74 39.59
C HIS A 897 -0.69 -10.74 40.17
N ASN A 898 0.58 -11.13 40.28
CA ASN A 898 1.55 -10.35 41.04
C ASN A 898 1.77 -8.96 40.45
N ILE A 899 1.19 -8.68 39.28
CA ILE A 899 1.29 -7.33 38.72
C ILE A 899 0.65 -6.31 39.64
N TRP A 900 -0.29 -6.73 40.50
CA TRP A 900 -0.86 -5.73 41.38
C TRP A 900 0.13 -5.27 42.45
N MET A 901 1.26 -5.98 42.61
CA MET A 901 2.41 -5.38 43.29
C MET A 901 3.05 -4.31 42.42
N LEU A 902 3.23 -4.60 41.13
CA LEU A 902 3.90 -3.67 40.23
C LEU A 902 3.07 -2.40 40.06
N LYS A 903 3.74 -1.26 40.06
CA LYS A 903 3.09 0.04 39.91
C LYS A 903 3.99 0.97 39.11
N PHE A 904 3.61 2.25 39.06
CA PHE A 904 4.18 3.22 38.12
C PHE A 904 4.02 2.77 36.68
N LEU A 905 2.90 2.13 36.37
CA LEU A 905 2.70 1.60 35.02
C LEU A 905 2.19 2.67 34.04
N ARG A 906 0.97 3.14 34.26
CA ARG A 906 0.31 4.23 33.53
C ARG A 906 -0.15 3.91 32.11
N ILE A 907 0.29 2.80 31.50
CA ILE A 907 -0.21 2.46 30.17
C ILE A 907 -0.46 0.96 30.12
N LEU A 908 -1.73 0.55 30.08
CA LEU A 908 -2.10 -0.85 30.01
C LEU A 908 -3.13 -1.04 28.89
N CYS A 909 -2.77 -1.83 27.89
CA CYS A 909 -3.67 -2.11 26.78
C CYS A 909 -3.84 -3.62 26.61
N ILE A 910 -5.09 -4.08 26.72
CA ILE A 910 -5.47 -5.45 26.36
C ILE A 910 -6.44 -5.33 25.20
N SER A 911 -5.99 -5.73 24.01
CA SER A 911 -6.77 -5.51 22.79
C SER A 911 -7.08 -6.84 22.13
N TYR A 912 -8.37 -7.11 21.95
CA TYR A 912 -8.85 -8.24 21.14
C TYR A 912 -8.28 -9.58 21.63
N CYS A 913 -8.22 -9.74 22.95
CA CYS A 913 -7.87 -11.02 23.56
C CYS A 913 -9.18 -11.69 23.96
N SER A 914 -9.63 -12.63 23.11
CA SER A 914 -10.95 -13.22 23.29
C SER A 914 -11.00 -14.22 24.44
N ARG A 915 -9.90 -14.92 24.71
CA ARG A 915 -9.89 -16.00 25.69
C ARG A 915 -9.36 -15.55 27.05
N LEU A 916 -9.62 -14.30 27.42
CA LEU A 916 -9.22 -13.77 28.73
C LEU A 916 -10.46 -13.24 29.42
N GLU A 917 -10.85 -13.89 30.52
CA GLU A 917 -12.03 -13.48 31.28
C GLU A 917 -11.68 -12.99 32.67
N TYR A 918 -10.99 -13.79 33.48
CA TYR A 918 -10.72 -13.45 34.87
C TYR A 918 -9.48 -12.57 34.93
N LEU A 919 -9.70 -11.27 34.74
CA LEU A 919 -8.63 -10.31 34.89
C LEU A 919 -8.31 -10.12 36.38
N PRO A 920 -7.14 -9.59 36.70
CA PRO A 920 -6.82 -9.34 38.11
C PRO A 920 -7.86 -8.45 38.77
N GLU A 921 -8.17 -8.75 40.02
CA GLU A 921 -9.28 -8.12 40.73
C GLU A 921 -8.84 -7.14 41.81
N ASN A 922 -7.75 -7.42 42.51
CA ASN A 922 -7.38 -6.59 43.66
C ASN A 922 -6.93 -5.20 43.21
N LEU A 923 -5.85 -5.12 42.44
CA LEU A 923 -5.32 -3.85 41.93
C LEU A 923 -5.10 -2.85 43.06
N GLY A 924 -4.58 -3.34 44.19
CA GLY A 924 -4.35 -2.49 45.34
C GLY A 924 -3.12 -1.61 45.17
N HIS A 925 -3.25 -0.35 45.58
CA HIS A 925 -2.19 0.64 45.51
C HIS A 925 -1.69 0.82 44.08
N LEU A 926 -2.55 0.57 43.11
CA LEU A 926 -2.23 0.83 41.70
C LEU A 926 -2.69 2.24 41.31
N GLU A 927 -2.28 3.23 42.09
CA GLU A 927 -2.72 4.61 41.91
C GLU A 927 -1.76 5.39 41.03
N HIS A 928 -1.42 4.83 39.86
CA HIS A 928 -0.66 5.57 38.87
C HIS A 928 -1.12 5.34 37.43
N LEU A 929 -2.10 4.48 37.21
CA LEU A 929 -2.56 4.19 35.85
C LEU A 929 -3.23 5.42 35.24
N GLU A 930 -3.04 5.57 33.93
CA GLU A 930 -3.66 6.67 33.19
C GLU A 930 -4.44 6.21 31.97
N GLU A 931 -3.94 5.20 31.25
CA GLU A 931 -4.62 4.69 30.07
C GLU A 931 -4.92 3.21 30.26
N LEU A 932 -6.19 2.84 30.12
CA LEU A 932 -6.63 1.45 30.24
C LEU A 932 -7.52 1.13 29.05
N LEU A 933 -7.07 0.19 28.22
CA LEU A 933 -7.80 -0.22 27.05
C LEU A 933 -8.22 -1.68 27.19
N ALA A 934 -9.51 -1.96 26.94
CA ALA A 934 -10.05 -3.31 26.94
C ALA A 934 -10.93 -3.47 25.70
N ASP A 935 -10.34 -4.06 24.65
CA ASP A 935 -11.05 -4.21 23.39
C ASP A 935 -11.63 -5.60 23.18
N GLY A 936 -11.04 -6.63 23.77
CA GLY A 936 -11.50 -7.98 23.58
C GLY A 936 -12.64 -8.36 24.50
N THR A 937 -13.19 -9.54 24.25
CA THR A 937 -14.29 -10.08 25.05
C THR A 937 -13.72 -10.75 26.29
N GLY A 938 -14.56 -11.49 26.99
CA GLY A 938 -14.14 -12.23 28.18
C GLY A 938 -14.35 -11.51 29.50
N ILE A 939 -13.97 -10.24 29.58
CA ILE A 939 -14.12 -9.48 30.81
C ILE A 939 -15.56 -8.98 30.89
N LEU A 940 -16.44 -9.81 31.45
CA LEU A 940 -17.85 -9.45 31.55
C LEU A 940 -18.06 -8.34 32.58
N ARG A 941 -17.47 -8.50 33.77
CA ARG A 941 -17.67 -7.57 34.87
C ARG A 941 -16.34 -6.91 35.21
N LEU A 942 -16.36 -5.59 35.36
CA LEU A 942 -15.15 -4.88 35.77
C LEU A 942 -14.74 -5.33 37.17
N PRO A 943 -13.44 -5.44 37.44
CA PRO A 943 -13.00 -5.91 38.76
C PRO A 943 -13.42 -4.95 39.86
N SER A 944 -13.70 -5.52 41.03
CA SER A 944 -14.10 -4.72 42.18
C SER A 944 -12.91 -3.90 42.67
N SER A 945 -13.22 -2.92 43.53
CA SER A 945 -12.24 -1.99 44.09
C SER A 945 -11.54 -1.17 43.03
N VAL A 946 -12.13 -1.08 41.83
CA VAL A 946 -11.55 -0.26 40.77
C VAL A 946 -11.63 1.22 41.12
N ALA A 947 -12.53 1.61 42.02
CA ALA A 947 -12.64 3.00 42.45
C ALA A 947 -11.46 3.47 43.28
N ARG A 948 -10.59 2.54 43.72
CA ARG A 948 -9.43 2.96 44.51
C ARG A 948 -8.51 3.86 43.70
N LEU A 949 -8.27 3.52 42.43
CA LEU A 949 -7.45 4.35 41.58
C LEU A 949 -8.22 5.59 41.17
N ASN A 950 -7.52 6.73 41.11
CA ASN A 950 -8.13 8.01 40.77
C ASN A 950 -7.27 8.83 39.82
N LYS A 951 -6.41 8.18 39.05
CA LYS A 951 -5.57 8.85 38.08
C LYS A 951 -5.88 8.44 36.64
N LEU A 952 -6.85 7.55 36.43
CA LEU A 952 -7.18 7.10 35.09
C LEU A 952 -7.80 8.24 34.29
N GLU A 953 -7.39 8.36 33.03
CA GLU A 953 -7.90 9.38 32.12
C GLU A 953 -8.53 8.82 30.86
N VAL A 954 -8.00 7.72 30.32
CA VAL A 954 -8.55 7.09 29.13
C VAL A 954 -9.04 5.70 29.50
N LEU A 955 -10.33 5.44 29.29
CA LEU A 955 -10.90 4.13 29.55
C LEU A 955 -11.68 3.69 28.32
N SER A 956 -11.23 2.60 27.70
CA SER A 956 -11.89 2.04 26.53
C SER A 956 -12.44 0.67 26.86
N PHE A 957 -13.73 0.44 26.53
CA PHE A 957 -14.39 -0.83 26.79
C PHE A 957 -15.25 -1.16 25.57
N ARG A 958 -14.77 -2.09 24.75
CA ARG A 958 -15.48 -2.47 23.53
C ARG A 958 -15.81 -3.95 23.55
N LYS A 959 -17.01 -4.29 23.09
CA LYS A 959 -17.45 -5.67 22.93
C LYS A 959 -17.82 -5.91 21.47
N LYS A 960 -17.69 -7.15 21.04
CA LYS A 960 -17.92 -7.54 19.66
C LYS A 960 -19.24 -8.30 19.56
N PHE A 961 -20.08 -7.90 18.61
CA PHE A 961 -21.37 -8.53 18.39
C PHE A 961 -21.47 -9.04 16.96
N ALA A 962 -22.64 -9.55 16.61
CA ALA A 962 -22.92 -10.06 15.27
C ALA A 962 -23.92 -9.14 14.57
N ILE A 963 -23.58 -8.72 13.36
CA ILE A 963 -24.41 -7.78 12.63
C ILE A 963 -25.52 -8.53 11.91
N GLY A 964 -26.76 -8.10 12.13
CA GLY A 964 -27.91 -8.68 11.48
C GLY A 964 -29.07 -7.72 11.46
N PRO A 965 -30.29 -8.24 11.26
CA PRO A 965 -31.48 -7.36 11.31
C PRO A 965 -31.64 -6.67 12.65
N LYS A 966 -31.24 -7.33 13.74
CA LYS A 966 -31.30 -6.75 15.07
C LYS A 966 -30.18 -7.37 15.89
N VAL A 967 -29.41 -6.53 16.59
CA VAL A 967 -28.30 -7.04 17.38
C VAL A 967 -28.82 -7.76 18.61
N GLN A 968 -28.23 -8.91 18.91
CA GLN A 968 -28.59 -9.71 20.07
C GLN A 968 -27.37 -9.88 20.95
N TYR A 969 -27.50 -9.55 22.22
CA TYR A 969 -26.40 -9.65 23.16
C TYR A 969 -26.17 -11.11 23.58
N SER A 970 -25.03 -11.34 24.21
CA SER A 970 -24.68 -12.69 24.65
C SER A 970 -25.54 -13.08 25.84
N SER A 971 -26.65 -13.77 25.57
CA SER A 971 -27.62 -14.17 26.59
C SER A 971 -28.04 -12.97 27.43
N SER A 972 -28.21 -11.83 26.77
CA SER A 972 -28.54 -10.56 27.43
C SER A 972 -27.56 -10.28 28.56
N MET A 973 -26.26 -10.36 28.24
CA MET A 973 -25.19 -10.17 29.22
C MET A 973 -25.36 -11.12 30.40
N LEU A 974 -25.82 -12.34 30.10
CA LEU A 974 -26.07 -13.36 31.12
C LEU A 974 -27.00 -12.81 32.21
N ASN A 975 -28.02 -12.07 31.78
CA ASN A 975 -28.92 -11.31 32.65
C ASN A 975 -28.16 -10.69 33.82
N LEU A 976 -27.17 -9.89 33.48
CA LEU A 976 -26.33 -9.24 34.47
C LEU A 976 -27.13 -8.19 35.24
N PRO A 977 -26.84 -8.00 36.53
CA PRO A 977 -27.51 -6.94 37.29
C PRO A 977 -27.04 -5.55 36.88
N ASP A 978 -27.62 -5.03 35.80
CA ASP A 978 -27.21 -3.73 35.27
C ASP A 978 -27.47 -2.59 36.25
N ASP A 979 -28.41 -2.78 37.19
CA ASP A 979 -28.75 -1.70 38.12
C ASP A 979 -27.56 -1.33 39.02
N VAL A 980 -26.83 -2.34 39.50
CA VAL A 980 -25.75 -2.10 40.45
C VAL A 980 -24.48 -1.59 39.79
N PHE A 981 -24.49 -1.36 38.48
CA PHE A 981 -23.30 -0.87 37.78
C PHE A 981 -22.99 0.55 38.26
N GLY A 982 -21.92 0.70 39.04
CA GLY A 982 -21.52 2.00 39.52
C GLY A 982 -20.01 2.17 39.58
N SER A 983 -19.28 1.21 38.99
CA SER A 983 -17.83 1.26 39.03
C SER A 983 -17.29 2.50 38.31
N LEU A 984 -17.84 2.81 37.13
CA LEU A 984 -17.39 3.99 36.40
C LEU A 984 -17.93 5.27 37.04
N GLY A 985 -19.06 5.18 37.75
CA GLY A 985 -19.58 6.35 38.43
C GLY A 985 -18.68 6.81 39.58
N SER A 986 -18.11 5.86 40.31
CA SER A 986 -17.25 6.18 41.44
C SER A 986 -15.90 6.73 41.02
N LEU A 987 -15.57 6.70 39.73
CA LEU A 987 -14.28 7.18 39.26
C LEU A 987 -14.24 8.71 39.31
N GLY A 988 -13.14 9.28 38.83
CA GLY A 988 -12.98 10.71 38.80
C GLY A 988 -11.87 11.11 37.85
N SER A 989 -12.01 12.32 37.29
CA SER A 989 -11.03 12.88 36.37
C SER A 989 -10.80 11.97 35.17
N VAL A 990 -11.88 11.69 34.46
CA VAL A 990 -11.86 10.85 33.27
C VAL A 990 -12.10 11.74 32.05
N VAL A 991 -11.24 11.62 31.05
CA VAL A 991 -11.30 12.46 29.86
C VAL A 991 -11.95 11.73 28.69
N LYS A 992 -11.49 10.51 28.39
CA LYS A 992 -12.04 9.72 27.30
C LYS A 992 -12.71 8.48 27.87
N LEU A 993 -13.99 8.30 27.57
CA LEU A 993 -14.75 7.16 28.07
C LEU A 993 -15.50 6.54 26.89
N ASN A 994 -15.08 5.34 26.50
CA ASN A 994 -15.66 4.65 25.36
C ASN A 994 -16.35 3.37 25.85
N LEU A 995 -17.63 3.22 25.52
CA LEU A 995 -18.37 1.99 25.77
C LEU A 995 -19.08 1.57 24.49
N SER A 996 -18.88 0.31 24.11
CA SER A 996 -19.61 -0.18 22.94
C SER A 996 -19.96 -1.65 23.12
N GLY A 997 -21.17 -2.00 22.71
CA GLY A 997 -21.61 -3.38 22.75
C GLY A 997 -21.96 -3.89 24.12
N ASN A 998 -22.21 -3.01 25.08
CA ASN A 998 -22.53 -3.39 26.44
C ASN A 998 -24.04 -3.27 26.66
N GLY A 999 -24.66 -4.36 27.11
CA GLY A 999 -26.09 -4.39 27.31
C GLY A 999 -26.53 -3.95 28.69
N PHE A 1000 -26.43 -2.66 28.98
CA PHE A 1000 -26.87 -2.11 30.26
C PHE A 1000 -28.03 -1.16 30.04
N CYS A 1001 -29.05 -1.27 30.89
CA CYS A 1001 -30.24 -0.44 30.77
C CYS A 1001 -30.14 0.86 31.56
N ASN A 1002 -29.49 0.82 32.73
CA ASN A 1002 -29.38 1.99 33.59
C ASN A 1002 -27.96 2.52 33.60
N LEU A 1003 -27.82 3.74 34.09
CA LEU A 1003 -26.56 4.45 34.21
C LEU A 1003 -26.38 4.93 35.64
N PRO A 1004 -25.13 5.13 36.08
CA PRO A 1004 -24.91 5.70 37.42
C PRO A 1004 -25.49 7.10 37.52
N GLU A 1005 -25.99 7.42 38.72
CA GLU A 1005 -26.62 8.70 38.98
C GLU A 1005 -25.65 9.76 39.48
N THR A 1006 -24.38 9.39 39.72
CA THR A 1006 -23.38 10.33 40.20
C THR A 1006 -22.53 10.91 39.08
N MET A 1007 -23.03 10.88 37.85
CA MET A 1007 -22.25 11.38 36.71
C MET A 1007 -21.96 12.86 36.84
N ASN A 1008 -22.79 13.61 37.56
CA ASN A 1008 -22.54 15.03 37.76
C ASN A 1008 -21.24 15.25 38.53
N GLN A 1009 -20.94 14.40 39.49
CA GLN A 1009 -19.69 14.50 40.24
C GLN A 1009 -18.50 14.33 39.32
N LEU A 1010 -18.56 13.36 38.41
CA LEU A 1010 -17.50 13.16 37.45
C LEU A 1010 -17.36 14.38 36.55
N PHE A 1011 -16.12 14.76 36.24
CA PHE A 1011 -15.85 16.00 35.54
C PHE A 1011 -15.00 15.74 34.30
N CYS A 1012 -14.79 16.82 33.54
CA CYS A 1012 -13.93 16.87 32.35
C CYS A 1012 -14.03 15.64 31.46
N LEU A 1013 -15.25 15.15 31.22
CA LEU A 1013 -15.46 14.00 30.36
C LEU A 1013 -15.60 14.55 28.94
N GLU A 1014 -14.47 14.73 28.27
CA GLU A 1014 -14.47 15.41 26.97
C GLU A 1014 -15.02 14.53 25.87
N TYR A 1015 -14.63 13.25 25.84
CA TYR A 1015 -15.04 12.33 24.78
C TYR A 1015 -15.91 11.24 25.38
N LEU A 1016 -17.15 11.15 24.90
CA LEU A 1016 -18.10 10.16 25.40
C LEU A 1016 -18.62 9.35 24.22
N ASP A 1017 -18.46 8.03 24.30
CA ASP A 1017 -18.90 7.14 23.23
C ASP A 1017 -19.81 6.08 23.85
N ILE A 1018 -21.04 5.97 23.33
CA ILE A 1018 -21.92 4.84 23.63
C ILE A 1018 -22.37 4.30 22.27
N THR A 1019 -21.68 3.28 21.78
CA THR A 1019 -21.86 2.82 20.40
C THR A 1019 -22.54 1.46 20.37
N PHE A 1020 -23.66 1.37 19.65
CA PHE A 1020 -24.53 0.20 19.62
C PHE A 1020 -24.80 -0.33 21.03
N CYS A 1021 -25.50 0.46 21.82
CA CYS A 1021 -25.96 0.07 23.14
C CYS A 1021 -27.48 0.19 23.16
N GLN A 1022 -28.16 -0.89 22.79
CA GLN A 1022 -29.61 -0.93 22.80
C GLN A 1022 -30.09 -1.32 24.21
N ARG A 1023 -31.38 -1.63 24.32
CA ARG A 1023 -32.00 -1.97 25.60
C ARG A 1023 -31.83 -0.85 26.62
N LEU A 1024 -31.74 0.39 26.14
CA LEU A 1024 -31.54 1.56 26.98
C LEU A 1024 -32.71 2.50 26.76
N GLU A 1025 -33.31 2.98 27.86
CA GLU A 1025 -34.51 3.80 27.77
C GLU A 1025 -34.21 5.30 27.72
N ALA A 1026 -33.30 5.80 28.57
CA ALA A 1026 -32.99 7.22 28.58
C ALA A 1026 -31.65 7.44 29.27
N LEU A 1027 -31.05 8.60 28.99
CA LEU A 1027 -29.81 9.00 29.64
C LEU A 1027 -30.15 9.91 30.81
N PRO A 1028 -29.84 9.53 32.05
CA PRO A 1028 -30.32 10.29 33.21
C PRO A 1028 -29.77 11.71 33.30
N GLU A 1029 -28.44 11.84 33.34
CA GLU A 1029 -27.81 13.13 33.54
C GLU A 1029 -26.43 13.10 32.89
N LEU A 1030 -26.07 14.20 32.24
CA LEU A 1030 -24.84 14.24 31.49
C LEU A 1030 -23.91 15.31 32.04
N PRO A 1031 -22.60 15.08 32.04
CA PRO A 1031 -21.68 16.10 32.56
C PRO A 1031 -21.67 17.32 31.65
N PRO A 1032 -21.33 18.50 32.20
CA PRO A 1032 -21.42 19.74 31.41
C PRO A 1032 -20.22 20.03 30.54
N SER A 1033 -19.33 19.07 30.29
CA SER A 1033 -18.08 19.34 29.57
C SER A 1033 -17.80 18.25 28.54
N ILE A 1034 -18.80 17.91 27.74
CA ILE A 1034 -18.67 16.87 26.72
C ILE A 1034 -18.53 17.56 25.36
N LYS A 1035 -17.33 17.49 24.78
CA LYS A 1035 -17.13 18.07 23.46
C LYS A 1035 -17.55 17.13 22.35
N GLU A 1036 -17.19 15.85 22.45
CA GLU A 1036 -17.54 14.86 21.45
C GLU A 1036 -18.51 13.83 22.03
N LEU A 1037 -19.65 13.66 21.38
CA LEU A 1037 -20.66 12.70 21.82
C LEU A 1037 -21.00 11.77 20.67
N TYR A 1038 -20.92 10.45 20.93
CA TYR A 1038 -21.32 9.44 19.95
C TYR A 1038 -22.47 8.63 20.56
N VAL A 1039 -23.63 8.65 19.89
CA VAL A 1039 -24.85 8.07 20.43
C VAL A 1039 -25.59 7.33 19.34
N ASP A 1040 -26.43 6.37 19.76
CA ASP A 1040 -27.25 5.59 18.85
C ASP A 1040 -28.49 6.41 18.47
N GLU A 1041 -29.04 6.10 17.30
CA GLU A 1041 -30.19 6.83 16.77
C GLU A 1041 -31.47 6.58 17.54
N HIS A 1042 -31.52 5.53 18.37
CA HIS A 1042 -32.76 5.19 19.07
C HIS A 1042 -33.24 6.36 19.93
N LEU A 1043 -32.33 7.01 20.66
CA LEU A 1043 -32.64 8.23 21.40
C LEU A 1043 -31.57 9.26 21.04
N ALA A 1044 -31.81 10.00 19.96
CA ALA A 1044 -30.85 11.01 19.49
C ALA A 1044 -31.51 12.36 19.32
N LEU A 1045 -32.78 12.37 18.90
CA LEU A 1045 -33.47 13.63 18.66
C LEU A 1045 -33.65 14.43 19.95
N ARG A 1046 -33.98 13.75 21.05
CA ARG A 1046 -34.23 14.43 22.31
C ARG A 1046 -32.93 14.98 22.90
N ILE A 1047 -31.85 14.21 22.82
CA ILE A 1047 -30.66 14.53 23.61
C ILE A 1047 -30.01 15.83 23.12
N MET A 1048 -29.97 16.05 21.80
CA MET A 1048 -29.26 17.23 21.30
C MET A 1048 -30.03 18.51 21.62
N GLU A 1049 -31.34 18.53 21.35
CA GLU A 1049 -32.11 19.72 21.66
C GLU A 1049 -32.31 19.90 23.16
N ASP A 1050 -32.05 18.86 23.95
CA ASP A 1050 -32.14 18.97 25.39
C ASP A 1050 -30.84 19.39 26.06
N LEU A 1051 -29.69 19.13 25.43
CA LEU A 1051 -28.41 19.39 26.07
C LEU A 1051 -27.59 20.50 25.42
N VAL A 1052 -27.73 20.74 24.11
CA VAL A 1052 -26.93 21.78 23.47
C VAL A 1052 -27.25 23.15 24.09
N ILE A 1053 -28.53 23.42 24.35
CA ILE A 1053 -28.91 24.68 24.97
C ILE A 1053 -28.33 24.79 26.38
N LYS A 1054 -28.26 23.66 27.10
CA LYS A 1054 -27.74 23.66 28.46
C LYS A 1054 -26.22 23.53 28.49
N CYS A 1055 -25.67 22.51 27.85
CA CYS A 1055 -24.23 22.31 27.84
C CYS A 1055 -23.56 23.41 27.03
N LYS A 1056 -22.60 24.09 27.64
CA LYS A 1056 -21.94 25.22 26.98
C LYS A 1056 -20.97 24.77 25.90
N GLU A 1057 -20.29 23.65 26.10
CA GLU A 1057 -19.27 23.16 25.16
C GLU A 1057 -19.70 21.78 24.67
N LEU A 1058 -20.51 21.76 23.61
CA LEU A 1058 -20.90 20.53 22.93
C LEU A 1058 -20.66 20.76 21.44
N ASN A 1059 -19.58 20.18 20.93
CA ASN A 1059 -19.09 20.51 19.60
C ASN A 1059 -19.64 19.55 18.54
N LEU A 1060 -19.39 18.25 18.70
CA LEU A 1060 -19.72 17.28 17.67
C LEU A 1060 -20.65 16.23 18.24
N ILE A 1061 -21.74 15.96 17.50
CA ILE A 1061 -22.70 14.92 17.83
C ILE A 1061 -22.74 13.95 16.66
N ALA A 1062 -22.52 12.66 16.95
CA ALA A 1062 -22.58 11.61 15.95
C ALA A 1062 -23.74 10.68 16.28
N VAL A 1063 -24.57 10.39 15.28
CA VAL A 1063 -25.76 9.55 15.44
C VAL A 1063 -25.55 8.29 14.61
N THR A 1064 -25.68 7.13 15.24
CA THR A 1064 -25.43 5.85 14.60
C THR A 1064 -26.70 5.00 14.62
N LYS A 1065 -27.02 4.41 13.47
CA LYS A 1065 -28.18 3.54 13.33
C LYS A 1065 -27.72 2.18 12.82
N ILE A 1066 -28.20 1.11 13.47
CA ILE A 1066 -27.77 -0.24 13.11
C ILE A 1066 -28.34 -0.65 11.75
N GLU A 1067 -29.59 -0.27 11.46
CA GLU A 1067 -30.21 -0.68 10.21
C GLU A 1067 -29.43 -0.15 9.00
N TYR A 1068 -29.05 1.12 9.03
CA TYR A 1068 -28.20 1.63 7.96
C TYR A 1068 -26.84 0.95 7.95
N GLN A 1069 -26.38 0.50 9.12
CA GLN A 1069 -25.11 -0.22 9.19
C GLN A 1069 -25.21 -1.60 8.55
N ASN A 1070 -26.27 -2.35 8.89
CA ASN A 1070 -26.38 -3.72 8.40
C ASN A 1070 -26.97 -3.81 7.00
N PHE A 1071 -27.52 -2.73 6.46
CA PHE A 1071 -27.99 -2.77 5.08
C PHE A 1071 -26.84 -2.89 4.11
N TYR A 1072 -25.69 -2.30 4.43
CA TYR A 1072 -24.49 -2.36 3.61
C TYR A 1072 -23.51 -3.41 4.11
N ARG A 1073 -24.03 -4.54 4.60
CA ARG A 1073 -23.17 -5.63 5.03
C ARG A 1073 -22.32 -6.15 3.87
N TRP A 1074 -22.92 -6.26 2.69
CA TRP A 1074 -22.16 -6.59 1.49
C TRP A 1074 -21.48 -5.34 0.95
N LEU A 1075 -20.31 -5.53 0.31
CA LEU A 1075 -19.57 -4.38 -0.20
C LEU A 1075 -20.21 -3.81 -1.45
N ASP A 1076 -20.85 -4.65 -2.26
CA ASP A 1076 -21.41 -4.20 -3.53
C ASP A 1076 -22.59 -3.26 -3.34
N SER A 1077 -23.20 -3.25 -2.16
CA SER A 1077 -24.43 -2.49 -1.94
C SER A 1077 -24.23 -0.98 -2.03
N ILE A 1078 -22.99 -0.50 -1.92
CA ILE A 1078 -22.78 0.95 -1.92
C ILE A 1078 -23.06 1.55 -3.29
N TRP A 1079 -22.71 0.84 -4.36
CA TRP A 1079 -22.89 1.38 -5.70
C TRP A 1079 -23.93 0.63 -6.54
N SER A 1080 -24.17 -0.65 -6.27
CA SER A 1080 -25.00 -1.45 -7.17
C SER A 1080 -26.44 -0.94 -7.18
N ASP A 1081 -27.05 -0.82 -6.00
CA ASP A 1081 -28.43 -0.36 -5.89
C ASP A 1081 -28.73 -0.12 -4.42
N VAL A 1082 -29.83 0.58 -4.17
CA VAL A 1082 -30.23 0.96 -2.82
C VAL A 1082 -31.73 0.78 -2.67
N SER A 1083 -32.15 0.22 -1.54
CA SER A 1083 -33.57 0.14 -1.22
C SER A 1083 -34.08 1.52 -0.83
N GLU A 1084 -35.04 2.03 -1.61
CA GLU A 1084 -35.45 3.42 -1.49
C GLU A 1084 -36.08 3.70 -0.13
N LEU A 1085 -37.00 2.84 0.31
CA LEU A 1085 -37.78 3.14 1.51
C LEU A 1085 -36.89 3.39 2.72
N LEU A 1086 -35.70 2.78 2.75
CA LEU A 1086 -34.82 2.92 3.91
C LEU A 1086 -34.47 4.38 4.17
N GLU A 1087 -34.17 5.14 3.11
CA GLU A 1087 -33.91 6.57 3.31
C GLU A 1087 -35.14 7.29 3.84
N ASN A 1088 -36.32 6.93 3.35
CA ASN A 1088 -37.55 7.52 3.91
C ASN A 1088 -37.73 7.15 5.37
N SER A 1089 -37.05 6.11 5.85
CA SER A 1089 -37.07 5.81 7.27
C SER A 1089 -36.34 6.86 8.09
N GLN A 1090 -35.32 7.49 7.51
CA GLN A 1090 -34.50 8.45 8.21
C GLN A 1090 -34.37 9.80 7.52
N LYS A 1091 -35.02 9.99 6.37
CA LYS A 1091 -34.89 11.27 5.68
C LYS A 1091 -35.63 12.37 6.41
N GLN A 1092 -36.87 12.09 6.85
CA GLN A 1092 -37.58 13.04 7.69
C GLN A 1092 -36.95 13.14 9.08
N GLN A 1093 -36.16 12.16 9.47
CA GLN A 1093 -35.47 12.22 10.76
C GLN A 1093 -34.52 13.41 10.81
N LEU A 1094 -33.79 13.65 9.72
CA LEU A 1094 -32.89 14.80 9.69
C LEU A 1094 -33.66 16.10 9.62
N ASP A 1095 -34.81 16.12 8.92
CA ASP A 1095 -35.56 17.35 8.76
C ASP A 1095 -36.15 17.81 10.10
N ASP A 1096 -36.77 16.90 10.84
CA ASP A 1096 -37.31 17.26 12.15
C ASP A 1096 -36.19 17.64 13.11
N MET A 1097 -35.05 16.95 13.02
CA MET A 1097 -33.91 17.29 13.86
C MET A 1097 -33.42 18.70 13.58
N LEU A 1098 -33.34 19.08 12.30
CA LEU A 1098 -32.95 20.45 11.96
C LEU A 1098 -33.98 21.45 12.44
N GLN A 1099 -35.27 21.11 12.30
CA GLN A 1099 -36.32 22.02 12.77
C GLN A 1099 -36.26 22.23 14.27
N LEU A 1100 -35.83 21.20 15.02
CA LEU A 1100 -35.72 21.29 16.47
C LEU A 1100 -34.25 21.53 16.82
N ILE A 1101 -33.83 22.79 16.73
CA ILE A 1101 -32.48 23.20 17.09
C ILE A 1101 -32.53 24.56 17.75
N PRO A 1102 -31.97 24.73 18.95
CA PRO A 1102 -31.91 26.07 19.55
C PRO A 1102 -30.85 26.91 18.85
N PHE A 1103 -31.26 28.09 18.39
CA PHE A 1103 -30.40 28.96 17.58
C PHE A 1103 -30.11 30.22 18.38
N SER A 1104 -29.01 30.18 19.14
CA SER A 1104 -28.56 31.34 19.91
C SER A 1104 -27.06 31.52 19.78
N TYR A 1105 -26.49 31.14 18.65
CA TYR A 1105 -25.05 31.23 18.41
C TYR A 1105 -24.62 32.58 17.87
N LEU A 1106 -25.57 33.50 17.65
CA LEU A 1106 -25.25 34.83 17.17
C LEU A 1106 -24.87 35.79 18.30
N SER A 1107 -24.87 35.33 19.53
CA SER A 1107 -24.44 36.16 20.66
C SER A 1107 -22.92 36.19 20.71
N THR A 1108 -22.37 36.68 21.82
CA THR A 1108 -20.92 36.76 21.96
C THR A 1108 -20.30 35.36 21.88
N ALA A 1109 -19.03 35.32 21.47
CA ALA A 1109 -18.36 34.05 21.24
C ALA A 1109 -17.99 33.36 22.54
N LYS A 1110 -18.85 32.45 23.02
CA LYS A 1110 -18.49 31.63 24.17
C LYS A 1110 -17.50 30.55 23.78
N ARG A 1111 -17.54 30.09 22.53
CA ARG A 1111 -16.74 28.98 22.05
C ARG A 1111 -16.04 29.37 20.76
N GLU A 1112 -14.87 28.77 20.54
CA GLU A 1112 -14.12 28.97 19.31
C GLU A 1112 -14.47 27.94 18.24
N GLU A 1113 -15.36 27.00 18.54
CA GLU A 1113 -15.72 25.92 17.64
C GLU A 1113 -17.13 26.11 17.11
N VAL A 1114 -17.50 25.29 16.14
CA VAL A 1114 -18.78 25.42 15.44
C VAL A 1114 -19.62 24.18 15.73
N LEU A 1115 -20.84 24.14 15.21
CA LEU A 1115 -21.73 23.01 15.50
C LEU A 1115 -21.58 21.94 14.43
N LYS A 1116 -21.34 20.70 14.85
CA LYS A 1116 -21.06 19.61 13.92
C LYS A 1116 -21.95 18.43 14.21
N ILE A 1117 -22.64 17.93 13.16
CA ILE A 1117 -23.56 16.80 13.28
C ILE A 1117 -23.23 15.79 12.19
N VAL A 1118 -23.13 14.53 12.57
CA VAL A 1118 -22.90 13.44 11.62
C VAL A 1118 -24.04 12.45 11.74
N ILE A 1119 -24.63 12.07 10.60
CA ILE A 1119 -25.76 11.15 10.58
C ILE A 1119 -25.63 10.29 9.32
N HIS A 1120 -26.32 9.16 9.31
CA HIS A 1120 -26.37 8.33 8.11
C HIS A 1120 -27.26 9.00 7.06
N GLY A 1121 -27.32 8.38 5.89
CA GLY A 1121 -28.11 8.89 4.78
C GLY A 1121 -27.25 9.24 3.58
N THR A 1122 -27.93 9.38 2.44
CA THR A 1122 -27.24 9.63 1.18
C THR A 1122 -27.93 10.66 0.28
N ARG A 1123 -28.96 11.36 0.77
CA ARG A 1123 -29.68 12.33 -0.04
C ARG A 1123 -29.95 13.57 0.79
N ILE A 1124 -30.19 14.67 0.08
CA ILE A 1124 -30.54 15.94 0.73
C ILE A 1124 -31.86 15.79 1.46
N PRO A 1125 -32.01 16.31 2.68
CA PRO A 1125 -33.29 16.19 3.40
C PRO A 1125 -34.36 17.14 2.88
N GLU A 1126 -34.09 17.80 1.76
CA GLU A 1126 -35.00 18.66 1.01
C GLU A 1126 -35.36 19.95 1.76
N TRP A 1127 -34.87 20.14 2.99
CA TRP A 1127 -35.04 21.42 3.66
C TRP A 1127 -34.10 22.46 3.08
N PHE A 1128 -33.00 22.02 2.48
CA PHE A 1128 -32.09 22.89 1.75
C PHE A 1128 -32.69 23.28 0.41
N ARG A 1129 -32.63 24.56 0.09
CA ARG A 1129 -33.19 25.09 -1.16
C ARG A 1129 -32.18 25.18 -2.28
N TRP A 1130 -30.95 24.71 -2.07
CA TRP A 1130 -29.88 24.83 -3.06
C TRP A 1130 -29.12 23.50 -3.09
N GLN A 1131 -29.46 22.64 -4.04
CA GLN A 1131 -28.86 21.33 -4.18
C GLN A 1131 -27.99 21.27 -5.42
N ASP A 1132 -26.83 20.63 -5.29
CA ASP A 1132 -25.89 20.47 -6.40
C ASP A 1132 -25.64 18.98 -6.57
N ARG A 1133 -25.85 18.48 -7.79
CA ARG A 1133 -25.74 17.04 -8.05
C ARG A 1133 -24.29 16.57 -8.10
N SER A 1134 -23.41 17.31 -8.76
CA SER A 1134 -22.14 16.75 -9.20
C SER A 1134 -21.04 17.81 -9.15
N ALA A 1135 -19.94 17.52 -9.84
CA ALA A 1135 -18.75 18.35 -10.02
C ALA A 1135 -17.87 18.36 -8.76
N THR A 1136 -18.25 17.61 -7.71
CA THR A 1136 -17.47 17.46 -6.47
C THR A 1136 -16.90 18.80 -5.97
N THR A 1137 -17.68 19.87 -6.16
CA THR A 1137 -17.27 21.18 -5.70
C THR A 1137 -18.51 22.03 -5.48
N MET A 1138 -18.34 23.12 -4.74
CA MET A 1138 -19.44 23.99 -4.37
C MET A 1138 -19.12 25.43 -4.73
N SER A 1139 -20.12 26.14 -5.22
CA SER A 1139 -19.97 27.55 -5.56
C SER A 1139 -21.37 28.18 -5.55
N VAL A 1140 -21.63 29.04 -4.58
CA VAL A 1140 -22.94 29.67 -4.42
C VAL A 1140 -22.76 31.18 -4.47
N ASN A 1141 -23.49 31.84 -5.36
CA ASN A 1141 -23.46 33.29 -5.51
C ASN A 1141 -24.64 33.83 -4.70
N LEU A 1142 -24.42 33.97 -3.40
CA LEU A 1142 -25.48 34.44 -2.51
C LEU A 1142 -25.81 35.89 -2.79
N PRO A 1143 -27.06 36.31 -2.55
CA PRO A 1143 -27.41 37.72 -2.71
C PRO A 1143 -26.76 38.60 -1.66
N GLU A 1144 -27.06 39.89 -1.69
CA GLU A 1144 -26.43 40.86 -0.82
C GLU A 1144 -27.49 41.59 0.02
N TYR A 1145 -27.01 42.46 0.92
CA TYR A 1145 -27.83 43.09 1.95
C TYR A 1145 -28.56 42.05 2.79
N TRP A 1146 -27.78 41.20 3.46
CA TRP A 1146 -28.37 40.20 4.34
C TRP A 1146 -28.80 40.77 5.67
N TYR A 1147 -28.25 41.92 6.08
CA TYR A 1147 -28.42 42.43 7.43
C TYR A 1147 -29.69 43.25 7.60
N THR A 1148 -30.69 43.08 6.73
CA THR A 1148 -32.00 43.66 7.00
C THR A 1148 -32.58 43.10 8.29
N GLU A 1149 -32.46 41.79 8.47
CA GLU A 1149 -32.67 41.14 9.76
C GLU A 1149 -31.38 40.43 10.14
N ASN A 1150 -31.16 40.29 11.45
CA ASN A 1150 -29.92 39.67 11.92
C ASN A 1150 -29.79 38.26 11.34
N PHE A 1151 -28.62 38.00 10.75
CA PHE A 1151 -28.37 36.77 10.01
C PHE A 1151 -27.49 35.86 10.86
N LEU A 1152 -28.05 34.71 11.25
CA LEU A 1152 -27.38 33.86 12.23
C LEU A 1152 -26.13 33.22 11.65
N GLY A 1153 -26.23 32.62 10.47
CA GLY A 1153 -25.08 31.97 9.88
C GLY A 1153 -25.49 31.08 8.72
N PHE A 1154 -24.47 30.48 8.12
CA PHE A 1154 -24.64 29.61 6.96
C PHE A 1154 -24.65 28.16 7.43
N ALA A 1155 -25.67 27.41 7.02
CA ALA A 1155 -25.76 25.99 7.32
C ALA A 1155 -25.34 25.21 6.07
N ILE A 1156 -24.33 24.35 6.22
CA ILE A 1156 -23.77 23.64 5.09
C ILE A 1156 -23.91 22.14 5.31
N CYS A 1157 -24.24 21.41 4.24
CA CYS A 1157 -24.39 19.97 4.28
C CYS A 1157 -23.52 19.34 3.22
N CYS A 1158 -22.97 18.17 3.53
CA CYS A 1158 -22.13 17.42 2.61
C CYS A 1158 -22.51 15.95 2.65
N SER A 1159 -22.33 15.28 1.51
CA SER A 1159 -22.55 13.85 1.39
C SER A 1159 -21.22 13.17 1.15
N CYS A 1160 -20.84 12.26 2.04
CA CYS A 1160 -19.56 11.56 1.93
C CYS A 1160 -19.80 10.11 2.33
N CYS A 1161 -18.70 9.37 2.53
CA CYS A 1161 -18.80 8.01 3.01
C CYS A 1161 -17.44 7.59 3.54
N PHE A 1162 -17.42 7.06 4.76
CA PHE A 1162 -16.19 6.66 5.43
C PHE A 1162 -15.93 5.18 5.21
N TYR A 1163 -14.65 4.83 5.12
CA TYR A 1163 -14.23 3.47 4.82
C TYR A 1163 -13.54 2.86 6.03
N HIS A 1164 -13.75 1.56 6.22
CA HIS A 1164 -12.94 0.81 7.18
C HIS A 1164 -11.51 0.71 6.65
N SER A 1165 -10.56 0.60 7.58
CA SER A 1165 -9.15 0.55 7.19
C SER A 1165 -8.79 -0.73 6.44
N ALA A 1166 -9.68 -1.72 6.42
CA ALA A 1166 -9.38 -3.02 5.83
C ALA A 1166 -10.23 -3.33 4.60
N ARG A 1167 -10.84 -2.30 3.98
CA ARG A 1167 -11.69 -2.56 2.82
C ARG A 1167 -10.89 -3.10 1.65
N SER A 1168 -9.64 -2.71 1.49
CA SER A 1168 -8.84 -3.18 0.37
C SER A 1168 -8.68 -4.69 0.41
N TYR A 1169 -8.51 -5.25 1.62
CA TYR A 1169 -8.33 -6.69 1.74
C TYR A 1169 -9.55 -7.44 1.23
N ASP A 1170 -10.75 -7.00 1.62
CA ASP A 1170 -11.95 -7.73 1.23
C ASP A 1170 -12.19 -7.67 -0.29
N VAL A 1171 -12.02 -6.49 -0.89
CA VAL A 1171 -12.24 -6.37 -2.32
C VAL A 1171 -11.20 -7.17 -3.09
N GLU A 1172 -9.93 -7.14 -2.63
CA GLU A 1172 -8.91 -7.95 -3.29
C GLU A 1172 -9.21 -9.43 -3.14
N PHE A 1173 -9.66 -9.86 -1.96
CA PHE A 1173 -9.98 -11.26 -1.72
C PHE A 1173 -11.09 -11.73 -2.63
N GLU A 1174 -12.18 -10.97 -2.72
CA GLU A 1174 -13.29 -11.39 -3.56
C GLU A 1174 -12.98 -11.27 -5.05
N GLY A 1175 -12.14 -10.31 -5.43
CA GLY A 1175 -11.68 -10.25 -6.81
C GLY A 1175 -10.87 -11.47 -7.19
N SER A 1176 -9.97 -11.92 -6.30
CA SER A 1176 -9.27 -13.18 -6.52
C SER A 1176 -10.25 -14.34 -6.54
N MET A 1177 -11.30 -14.27 -5.73
CA MET A 1177 -12.32 -15.31 -5.74
C MET A 1177 -13.07 -15.37 -7.07
N HIS A 1178 -13.15 -14.24 -7.78
CA HIS A 1178 -13.80 -14.23 -9.09
C HIS A 1178 -13.13 -15.18 -10.07
N HIS A 1179 -11.84 -15.48 -9.87
CA HIS A 1179 -11.11 -16.43 -10.69
C HIS A 1179 -10.87 -17.75 -9.96
N TYR A 1180 -10.39 -17.69 -8.71
CA TYR A 1180 -10.26 -18.86 -7.85
C TYR A 1180 -9.38 -19.94 -8.47
N ASN A 1181 -8.11 -19.58 -8.63
CA ASN A 1181 -7.08 -20.53 -9.05
C ASN A 1181 -6.39 -21.21 -7.87
N TYR A 1182 -7.03 -21.21 -6.71
CA TYR A 1182 -6.42 -21.75 -5.48
C TYR A 1182 -6.50 -23.27 -5.49
N ASP A 1183 -6.13 -23.89 -4.36
CA ASP A 1183 -6.17 -25.33 -4.21
C ASP A 1183 -6.74 -25.67 -2.84
N SER A 1184 -7.19 -26.93 -2.71
CA SER A 1184 -7.79 -27.36 -1.46
C SER A 1184 -6.79 -27.33 -0.31
N SER A 1185 -5.55 -27.76 -0.56
CA SER A 1185 -4.54 -27.79 0.49
C SER A 1185 -4.17 -26.38 0.97
N TYR A 1186 -4.40 -25.36 0.14
CA TYR A 1186 -4.06 -23.99 0.54
C TYR A 1186 -4.90 -23.54 1.72
N TRP A 1187 -6.18 -23.92 1.75
CA TRP A 1187 -7.09 -23.39 2.75
C TRP A 1187 -6.96 -24.07 4.12
N LYS A 1188 -6.17 -25.14 4.22
CA LYS A 1188 -6.05 -25.85 5.49
C LYS A 1188 -5.26 -25.07 6.53
N GLU A 1189 -4.40 -24.14 6.10
CA GLU A 1189 -3.54 -23.38 7.00
C GLU A 1189 -3.59 -21.90 6.67
N TYR A 1190 -4.76 -21.39 6.31
CA TYR A 1190 -4.95 -19.98 6.01
C TYR A 1190 -5.48 -19.27 7.24
N GLU A 1191 -4.73 -18.28 7.72
CA GLU A 1191 -5.10 -17.48 8.88
C GLU A 1191 -5.56 -16.10 8.42
N GLU A 1192 -6.75 -15.70 8.86
CA GLU A 1192 -7.28 -14.40 8.50
C GLU A 1192 -6.50 -13.31 9.23
N PRO A 1193 -5.96 -12.32 8.52
CA PRO A 1193 -5.12 -11.30 9.17
C PRO A 1193 -5.94 -10.45 10.13
N SER A 1194 -5.53 -10.44 11.39
CA SER A 1194 -6.29 -9.77 12.44
C SER A 1194 -6.48 -8.29 12.14
N TYR A 1195 -7.71 -7.81 12.29
CA TYR A 1195 -8.05 -6.42 12.01
C TYR A 1195 -8.91 -5.89 13.15
N ASP A 1196 -8.74 -4.61 13.48
CA ASP A 1196 -9.50 -4.00 14.55
C ASP A 1196 -10.97 -3.90 14.17
N PHE A 1197 -11.84 -4.20 15.14
CA PHE A 1197 -13.27 -4.19 14.88
C PHE A 1197 -13.86 -2.79 14.91
N TYR A 1198 -13.17 -1.82 15.49
CA TYR A 1198 -13.61 -0.43 15.52
C TYR A 1198 -12.52 0.47 14.94
N GLU A 1199 -12.94 1.47 14.16
CA GLU A 1199 -12.04 2.48 13.64
C GLU A 1199 -12.70 3.85 13.74
N ARG A 1200 -11.86 4.87 13.79
CA ARG A 1200 -12.29 6.27 13.81
C ARG A 1200 -11.89 6.90 12.49
N ASP A 1201 -12.87 7.21 11.65
CA ASP A 1201 -12.62 7.80 10.35
C ASP A 1201 -12.99 9.28 10.37
N SER A 1202 -12.14 10.11 9.78
CA SER A 1202 -12.29 11.56 9.83
C SER A 1202 -12.15 12.15 8.44
N ILE A 1203 -12.85 13.27 8.21
CA ILE A 1203 -12.71 14.06 7.01
C ILE A 1203 -12.48 15.52 7.42
N GLU A 1204 -11.91 16.28 6.51
CA GLU A 1204 -11.61 17.69 6.75
C GLU A 1204 -12.24 18.53 5.65
N ILE A 1205 -12.92 19.62 6.03
CA ILE A 1205 -13.51 20.55 5.10
C ILE A 1205 -13.10 21.96 5.47
N THR A 1206 -13.11 22.85 4.48
CA THR A 1206 -12.81 24.26 4.68
C THR A 1206 -13.87 25.11 3.99
N ALA A 1207 -14.31 26.15 4.68
CA ALA A 1207 -15.32 27.07 4.17
C ALA A 1207 -14.70 28.45 4.03
N LYS A 1208 -14.73 29.00 2.83
CA LYS A 1208 -14.08 30.26 2.52
C LYS A 1208 -15.06 31.21 1.88
N LEU A 1209 -14.92 32.50 2.21
CA LEU A 1209 -15.81 33.53 1.68
C LEU A 1209 -14.96 34.71 1.21
N LEU A 1221 -11.97 35.81 6.22
CA LEU A 1221 -12.01 34.89 7.34
C LEU A 1221 -11.78 33.47 6.88
N LYS A 1222 -11.00 32.71 7.65
CA LYS A 1222 -10.70 31.31 7.34
C LYS A 1222 -11.22 30.44 8.48
N LYS A 1223 -12.01 29.43 8.14
CA LYS A 1223 -12.51 28.47 9.11
C LYS A 1223 -12.42 27.07 8.54
N VAL A 1224 -11.73 26.18 9.24
CA VAL A 1224 -11.55 24.79 8.84
C VAL A 1224 -11.92 23.89 10.01
N CYS A 1225 -12.75 22.89 9.75
CA CYS A 1225 -13.18 21.96 10.79
C CYS A 1225 -13.25 20.56 10.22
N SER A 1226 -13.17 19.57 11.12
CA SER A 1226 -13.06 18.17 10.74
C SER A 1226 -14.20 17.35 11.35
N PHE A 1227 -14.62 16.33 10.61
CA PHE A 1227 -15.70 15.44 11.00
C PHE A 1227 -15.12 14.11 11.49
N SER A 1228 -15.97 13.28 12.09
CA SER A 1228 -15.55 11.97 12.56
C SER A 1228 -16.78 11.14 12.91
N MET A 1229 -16.66 9.83 12.70
CA MET A 1229 -17.69 8.88 13.11
C MET A 1229 -17.08 7.49 13.12
N ASN A 1230 -17.84 6.53 13.65
CA ASN A 1230 -17.36 5.16 13.80
C ASN A 1230 -17.70 4.32 12.57
N VAL A 1231 -16.88 3.30 12.33
CA VAL A 1231 -17.07 2.37 11.23
C VAL A 1231 -16.81 0.96 11.74
N LEU A 1232 -17.68 0.02 11.38
CA LEU A 1232 -17.56 -1.35 11.85
C LEU A 1232 -16.78 -2.20 10.85
N ARG A 1233 -16.37 -3.38 11.31
CA ARG A 1233 -15.55 -4.26 10.49
C ARG A 1233 -16.38 -4.92 9.39
N ARG A 1234 -17.57 -5.41 9.73
CA ARG A 1234 -18.42 -6.07 8.73
C ARG A 1234 -18.86 -5.09 7.65
N ALA A 1235 -19.33 -3.91 8.06
CA ALA A 1235 -19.77 -2.88 7.13
C ALA A 1235 -18.60 -1.92 6.89
N THR A 1236 -17.88 -2.14 5.79
CA THR A 1236 -16.66 -1.38 5.54
C THR A 1236 -16.96 0.08 5.24
N ALA A 1237 -17.90 0.35 4.34
CA ALA A 1237 -18.18 1.72 3.91
C ALA A 1237 -19.68 1.95 3.87
N VAL A 1238 -20.13 3.05 4.48
CA VAL A 1238 -21.53 3.45 4.44
C VAL A 1238 -21.61 4.93 4.08
N PRO A 1239 -22.65 5.39 3.39
CA PRO A 1239 -22.76 6.81 3.07
C PRO A 1239 -23.34 7.61 4.23
N ASN A 1240 -22.81 8.81 4.43
CA ASN A 1240 -23.18 9.65 5.55
C ASN A 1240 -23.48 11.09 5.11
N MET A 1241 -24.48 11.66 5.76
CA MET A 1241 -24.78 13.08 5.71
C MET A 1241 -24.03 13.79 6.83
N CYS A 1242 -23.42 14.93 6.51
CA CYS A 1242 -22.62 15.68 7.47
C CYS A 1242 -23.05 17.14 7.44
N PHE A 1243 -23.55 17.63 8.57
CA PHE A 1243 -24.03 19.00 8.68
C PHE A 1243 -23.06 19.80 9.54
N ALA A 1244 -22.73 21.00 9.08
CA ALA A 1244 -21.91 21.94 9.84
C ALA A 1244 -22.60 23.30 9.87
N PHE A 1245 -22.47 23.99 10.99
CA PHE A 1245 -22.98 25.36 11.11
C PHE A 1245 -21.89 26.21 11.75
N PHE A 1246 -21.49 27.27 11.03
CA PHE A 1246 -20.49 28.22 11.48
C PHE A 1246 -21.18 29.54 11.81
N PRO A 1247 -21.32 29.91 13.08
CA PRO A 1247 -21.86 31.23 13.40
C PRO A 1247 -20.90 32.33 12.96
N PHE A 1248 -21.47 33.48 12.61
CA PHE A 1248 -20.67 34.62 12.18
C PHE A 1248 -20.23 35.45 13.38
N TYR A 1265 -19.43 42.16 -0.22
CA TYR A 1265 -19.24 41.34 -1.40
C TYR A 1265 -18.49 40.06 -1.07
N GLY A 1266 -18.97 38.94 -1.60
CA GLY A 1266 -18.30 37.67 -1.39
C GLY A 1266 -19.02 36.56 -2.12
N ILE A 1267 -18.30 35.48 -2.35
CA ILE A 1267 -18.83 34.28 -2.98
C ILE A 1267 -18.50 33.10 -2.08
N PHE A 1268 -19.54 32.41 -1.60
CA PHE A 1268 -19.33 31.30 -0.70
C PHE A 1268 -18.74 30.11 -1.44
N GLU A 1269 -17.64 29.57 -0.90
CA GLU A 1269 -16.97 28.43 -1.49
C GLU A 1269 -16.61 27.42 -0.41
N THR A 1270 -16.60 26.15 -0.78
CA THR A 1270 -16.27 25.08 0.17
C THR A 1270 -15.69 23.91 -0.62
N CYS A 1271 -14.37 23.77 -0.56
CA CYS A 1271 -13.68 22.60 -1.08
C CYS A 1271 -13.33 21.67 0.08
N LEU A 1272 -13.11 20.41 -0.24
CA LEU A 1272 -12.86 19.42 0.82
C LEU A 1272 -11.44 19.55 1.36
N SER A 1273 -10.45 19.24 0.53
CA SER A 1273 -9.04 19.26 0.93
C SER A 1273 -8.17 18.93 -0.29
N PRO A 1274 -6.91 19.38 -0.31
CA PRO A 1274 -6.00 18.92 -1.36
C PRO A 1274 -5.79 17.42 -1.36
N GLY A 1275 -5.79 16.79 -0.19
CA GLY A 1275 -5.62 15.35 -0.10
C GLY A 1275 -6.94 14.60 -0.12
N ASP A 1276 -7.17 13.76 0.89
CA ASP A 1276 -8.38 12.96 1.02
C ASP A 1276 -8.60 12.09 -0.22
N ILE A 1277 -7.69 11.13 -0.36
CA ILE A 1277 -7.69 10.26 -1.53
C ILE A 1277 -9.00 9.50 -1.65
N ARG A 1278 -9.47 8.94 -0.53
CA ARG A 1278 -10.67 8.11 -0.55
C ARG A 1278 -11.96 8.93 -0.51
N HIS A 1279 -11.91 10.14 0.05
CA HIS A 1279 -13.09 10.92 0.35
C HIS A 1279 -13.29 12.02 -0.70
N ARG A 1280 -14.47 12.04 -1.31
CA ARG A 1280 -14.80 13.06 -2.30
C ARG A 1280 -15.99 13.91 -1.91
N GLY A 1281 -17.13 13.29 -1.59
CA GLY A 1281 -18.35 14.03 -1.32
C GLY A 1281 -19.05 14.42 -2.62
N LYS A 1282 -20.37 14.27 -2.68
CA LYS A 1282 -21.05 14.46 -3.96
C LYS A 1282 -22.27 15.37 -3.90
N GLN A 1283 -22.92 15.47 -2.74
CA GLN A 1283 -24.13 16.28 -2.60
C GLN A 1283 -23.86 17.44 -1.64
N TRP A 1284 -24.49 18.57 -1.92
CA TRP A 1284 -24.31 19.77 -1.10
C TRP A 1284 -25.64 20.48 -0.91
N GLY A 1285 -25.75 21.22 0.20
CA GLY A 1285 -26.91 22.02 0.46
C GLY A 1285 -26.49 23.32 1.14
N PHE A 1286 -27.39 24.31 1.07
CA PHE A 1286 -27.04 25.64 1.54
C PHE A 1286 -28.29 26.51 1.72
N ASN A 1287 -28.42 27.14 2.89
CA ASN A 1287 -29.48 28.10 3.14
C ASN A 1287 -28.92 29.24 3.97
N LEU A 1288 -29.73 30.29 4.12
CA LEU A 1288 -29.48 31.38 5.05
C LEU A 1288 -30.56 31.37 6.12
N VAL A 1289 -30.15 31.28 7.38
CA VAL A 1289 -31.08 31.30 8.51
C VAL A 1289 -31.08 32.70 9.10
N TYR A 1290 -32.21 33.06 9.72
CA TYR A 1290 -32.44 34.45 10.13
C TYR A 1290 -33.09 34.46 11.51
N LYS A 1291 -33.33 35.68 12.01
CA LYS A 1291 -34.01 35.92 13.28
C LYS A 1291 -35.52 35.83 13.10
N ASP A 1292 -36.26 36.38 14.07
CA ASP A 1292 -37.72 36.27 14.13
C ASP A 1292 -38.14 34.81 14.30
N GLU A 1293 -37.80 34.29 15.48
CA GLU A 1293 -38.04 32.90 15.88
C GLU A 1293 -37.64 31.93 14.78
N THR A 1294 -36.40 32.07 14.32
CA THR A 1294 -35.78 31.17 13.35
C THR A 1294 -36.69 30.99 12.13
N GLY A 1295 -37.02 32.13 11.52
CA GLY A 1295 -37.91 32.08 10.36
C GLY A 1295 -37.29 31.37 9.18
N GLY A 1296 -36.03 31.68 8.87
CA GLY A 1296 -35.37 31.08 7.73
C GLY A 1296 -35.97 31.42 6.39
N SER A 1297 -36.83 32.44 6.34
CA SER A 1297 -37.49 32.85 5.09
C SER A 1297 -36.51 33.64 4.23
N VAL A 1298 -35.54 32.91 3.69
CA VAL A 1298 -34.48 33.52 2.90
C VAL A 1298 -35.00 33.83 1.50
N THR A 1299 -34.66 35.02 0.99
CA THR A 1299 -35.04 35.42 -0.35
C THR A 1299 -34.07 34.87 -1.39
N HIS A 1300 -33.80 33.58 -1.32
CA HIS A 1300 -32.86 32.91 -2.21
C HIS A 1300 -33.66 31.97 -3.12
N GLU A 1301 -33.57 32.18 -4.42
CA GLU A 1301 -34.24 31.34 -5.42
C GLU A 1301 -33.19 30.88 -6.43
N MET A 1302 -32.50 29.79 -6.11
CA MET A 1302 -31.57 29.16 -7.03
C MET A 1302 -31.63 27.65 -6.84
N LEU A 1303 -31.23 26.93 -7.88
CA LEU A 1303 -31.20 25.46 -7.83
C LEU A 1303 -30.33 24.91 -8.96
N LEU B 102 -22.67 -8.33 -33.65
CA LEU B 102 -23.80 -8.76 -34.48
C LEU B 102 -25.05 -7.96 -34.11
N THR B 103 -25.20 -7.69 -32.82
CA THR B 103 -26.33 -6.90 -32.35
C THR B 103 -26.19 -5.46 -32.87
N PRO B 104 -27.29 -4.81 -33.24
CA PRO B 104 -27.17 -3.44 -33.78
C PRO B 104 -26.49 -2.44 -32.85
N THR B 105 -26.71 -2.54 -31.54
CA THR B 105 -26.13 -1.54 -30.64
C THR B 105 -24.61 -1.67 -30.54
N GLU B 106 -24.09 -2.90 -30.56
CA GLU B 106 -22.64 -3.07 -30.52
C GLU B 106 -22.00 -2.56 -31.81
N THR B 107 -22.64 -2.78 -32.96
CA THR B 107 -22.13 -2.22 -34.20
C THR B 107 -22.17 -0.70 -34.17
N ALA B 108 -23.24 -0.13 -33.62
CA ALA B 108 -23.33 1.33 -33.53
C ALA B 108 -22.22 1.90 -32.66
N VAL B 109 -21.97 1.28 -31.49
CA VAL B 109 -20.93 1.84 -30.63
C VAL B 109 -19.55 1.60 -31.25
N LEU B 110 -19.39 0.51 -32.00
CA LEU B 110 -18.12 0.27 -32.68
C LEU B 110 -17.87 1.32 -33.77
N ARG B 111 -18.91 1.68 -34.53
CA ARG B 111 -18.71 2.73 -35.52
C ARG B 111 -18.52 4.09 -34.87
N GLU B 112 -19.12 4.31 -33.69
CA GLU B 112 -18.83 5.52 -32.93
C GLU B 112 -17.34 5.57 -32.56
N LEU B 113 -16.81 4.45 -32.09
CA LEU B 113 -15.38 4.39 -31.78
C LEU B 113 -14.54 4.61 -33.04
N ARG B 114 -15.01 4.09 -34.18
CA ARG B 114 -14.35 4.37 -35.46
C ARG B 114 -14.27 5.86 -35.70
N LEU B 115 -15.40 6.56 -35.57
CA LEU B 115 -15.40 8.01 -35.75
C LEU B 115 -14.52 8.72 -34.74
N HIS B 116 -14.29 8.10 -33.57
CA HIS B 116 -13.44 8.70 -32.54
C HIS B 116 -11.99 8.22 -32.61
N ARG B 117 -11.50 7.90 -33.80
CA ARG B 117 -10.16 7.35 -33.94
C ARG B 117 -9.09 8.43 -33.72
N PRO B 118 -7.88 8.02 -33.32
CA PRO B 118 -6.77 8.95 -33.22
C PRO B 118 -6.03 9.08 -34.54
N PRO B 119 -5.28 10.15 -34.74
CA PRO B 119 -4.60 10.34 -36.04
C PRO B 119 -3.37 9.46 -36.21
N LEU B 120 -2.61 9.25 -35.15
CA LEU B 120 -1.38 8.45 -35.20
C LEU B 120 -1.49 7.27 -34.25
N PRO B 121 -1.12 6.06 -34.70
CA PRO B 121 -1.13 4.91 -33.78
C PRO B 121 -0.14 5.09 -32.65
N LEU B 122 -0.48 4.52 -31.50
CA LEU B 122 0.35 4.59 -30.31
C LEU B 122 1.03 3.25 -30.08
N ASP B 123 2.35 3.27 -29.98
CA ASP B 123 3.13 2.07 -29.67
C ASP B 123 3.23 1.91 -28.16
N THR B 124 2.84 0.74 -27.66
CA THR B 124 2.77 0.49 -26.23
C THR B 124 3.70 -0.66 -25.84
N LEU B 125 4.22 -0.57 -24.62
CA LEU B 125 5.04 -1.63 -24.03
C LEU B 125 4.21 -2.34 -22.97
N LEU B 126 4.19 -3.67 -23.02
CA LEU B 126 3.26 -4.47 -22.24
C LEU B 126 4.01 -5.47 -21.38
N PHE B 127 3.56 -5.62 -20.13
CA PHE B 127 4.12 -6.59 -19.20
C PHE B 127 2.98 -7.44 -18.65
N THR B 128 3.02 -8.75 -18.92
CA THR B 128 1.92 -9.64 -18.58
C THR B 128 2.45 -10.91 -17.93
N ASP B 129 1.54 -11.66 -17.32
CA ASP B 129 1.81 -12.97 -16.75
C ASP B 129 0.76 -13.96 -17.26
N PRO B 130 0.84 -14.33 -18.53
CA PRO B 130 -0.25 -15.10 -19.15
C PRO B 130 -0.38 -16.49 -18.55
N ASN B 131 -1.49 -17.14 -18.93
CA ASN B 131 -1.86 -18.48 -18.50
C ASN B 131 -1.86 -18.53 -16.96
N LYS B 132 -2.70 -17.66 -16.40
CA LYS B 132 -3.10 -17.75 -15.00
C LYS B 132 -4.58 -17.47 -14.80
N ASP B 133 -5.27 -16.90 -15.79
CA ASP B 133 -6.67 -16.53 -15.73
C ASP B 133 -7.09 -16.11 -17.13
N PRO B 134 -8.40 -16.13 -17.43
CA PRO B 134 -8.84 -15.84 -18.81
C PRO B 134 -8.79 -14.36 -19.16
N ASP B 135 -8.11 -13.56 -18.35
CA ASP B 135 -8.15 -12.11 -18.51
C ASP B 135 -7.09 -11.61 -19.48
N ASP B 136 -5.83 -12.06 -19.31
CA ASP B 136 -4.75 -11.57 -20.17
C ASP B 136 -4.96 -11.96 -21.62
N VAL B 137 -5.58 -13.11 -21.87
CA VAL B 137 -5.87 -13.49 -23.25
C VAL B 137 -6.92 -12.58 -23.85
N VAL B 138 -7.92 -12.17 -23.06
CA VAL B 138 -8.87 -11.16 -23.52
C VAL B 138 -8.14 -9.87 -23.85
N THR B 139 -7.19 -9.48 -23.00
CA THR B 139 -6.43 -8.26 -23.27
C THR B 139 -5.67 -8.36 -24.58
N TYR B 140 -5.03 -9.51 -24.83
CA TYR B 140 -4.34 -9.71 -26.11
C TYR B 140 -5.30 -9.62 -27.29
N THR B 141 -6.47 -10.26 -27.17
CA THR B 141 -7.42 -10.28 -28.27
C THR B 141 -7.91 -8.86 -28.59
N ILE B 142 -8.30 -8.12 -27.56
CA ILE B 142 -8.78 -6.76 -27.81
C ILE B 142 -7.66 -5.85 -28.28
N ALA B 143 -6.42 -6.08 -27.83
CA ALA B 143 -5.31 -5.29 -28.35
C ALA B 143 -5.08 -5.56 -29.83
N LYS B 144 -5.18 -6.83 -30.24
CA LYS B 144 -5.05 -7.16 -31.66
C LYS B 144 -6.16 -6.49 -32.47
N GLN B 145 -7.39 -6.56 -31.98
CA GLN B 145 -8.50 -5.99 -32.72
C GLN B 145 -8.38 -4.48 -32.81
N LEU B 146 -7.92 -3.83 -31.73
CA LEU B 146 -7.65 -2.40 -31.77
C LEU B 146 -6.54 -2.06 -32.76
N GLN B 147 -5.48 -2.87 -32.80
CA GLN B 147 -4.38 -2.60 -33.73
C GLN B 147 -4.86 -2.69 -35.16
N ALA B 148 -5.72 -3.67 -35.47
CA ALA B 148 -6.30 -3.76 -36.80
C ALA B 148 -7.12 -2.52 -37.15
N GLU B 149 -7.54 -1.75 -36.15
CA GLU B 149 -8.30 -0.52 -36.36
C GLU B 149 -7.43 0.73 -36.31
N GLY B 150 -6.13 0.58 -36.11
CA GLY B 150 -5.23 1.72 -36.08
C GLY B 150 -5.15 2.45 -34.76
N PHE B 151 -5.80 1.94 -33.71
CA PHE B 151 -5.78 2.64 -32.43
C PHE B 151 -4.44 2.49 -31.72
N LEU B 152 -3.87 1.28 -31.74
CA LEU B 152 -2.63 1.00 -31.04
C LEU B 152 -1.78 0.07 -31.89
N ARG B 153 -0.57 -0.21 -31.40
CA ARG B 153 0.39 -1.02 -32.15
C ARG B 153 1.35 -1.66 -31.14
N LEU B 154 1.14 -2.94 -30.84
CA LEU B 154 1.94 -3.62 -29.85
C LEU B 154 3.33 -3.93 -30.40
N THR B 155 4.36 -3.57 -29.63
CA THR B 155 5.74 -3.79 -30.03
C THR B 155 6.36 -4.99 -29.31
N ASP B 156 6.41 -4.96 -27.98
CA ASP B 156 7.09 -5.97 -27.19
C ASP B 156 6.24 -6.36 -25.99
N VAL B 157 6.48 -7.56 -25.49
CA VAL B 157 5.81 -8.07 -24.30
C VAL B 157 6.85 -8.69 -23.37
N VAL B 158 6.52 -8.71 -22.08
CA VAL B 158 7.40 -9.21 -21.04
C VAL B 158 6.61 -10.15 -20.13
N VAL B 159 7.22 -11.28 -19.76
CA VAL B 159 6.59 -12.28 -18.90
C VAL B 159 7.24 -12.24 -17.53
N THR B 160 6.48 -12.62 -16.52
CA THR B 160 6.89 -12.49 -15.12
C THR B 160 6.14 -13.56 -14.33
N LEU B 161 6.31 -13.57 -13.00
CA LEU B 161 5.59 -14.46 -12.09
C LEU B 161 5.94 -15.93 -12.33
N GLY B 162 7.21 -16.25 -12.12
CA GLY B 162 7.65 -17.63 -12.16
C GLY B 162 9.15 -17.72 -11.96
N ASP B 163 9.64 -18.95 -12.01
CA ASP B 163 11.08 -19.20 -12.00
C ASP B 163 11.60 -19.10 -13.44
N ALA B 164 12.84 -19.52 -13.66
CA ALA B 164 13.42 -19.44 -14.99
C ALA B 164 12.65 -20.32 -15.98
N ASP B 165 12.45 -21.59 -15.63
CA ASP B 165 11.70 -22.48 -16.51
C ASP B 165 10.24 -22.07 -16.59
N MET B 166 9.66 -21.65 -15.46
CA MET B 166 8.26 -21.23 -15.45
C MET B 166 8.05 -20.03 -16.36
N ARG B 167 8.91 -19.02 -16.25
CA ARG B 167 8.78 -17.85 -17.11
C ARG B 167 9.09 -18.19 -18.56
N SER B 168 10.01 -19.12 -18.80
CA SER B 168 10.26 -19.57 -20.17
C SER B 168 8.99 -20.17 -20.77
N GLN B 169 8.32 -21.05 -20.02
CA GLN B 169 7.09 -21.65 -20.51
C GLN B 169 6.00 -20.59 -20.73
N ARG B 170 5.90 -19.63 -19.82
CA ARG B 170 4.93 -18.55 -19.98
C ARG B 170 5.17 -17.77 -21.25
N ALA B 171 6.43 -17.43 -21.52
CA ALA B 171 6.77 -16.69 -22.75
C ALA B 171 6.48 -17.55 -23.98
N GLN B 172 6.75 -18.85 -23.90
CA GLN B 172 6.48 -19.74 -25.02
C GLN B 172 4.99 -19.75 -25.36
N LEU B 173 4.15 -19.86 -24.32
CA LEU B 173 2.71 -19.86 -24.54
C LEU B 173 2.23 -18.52 -25.07
N ALA B 174 2.79 -17.42 -24.56
CA ALA B 174 2.39 -16.10 -25.07
C ALA B 174 2.75 -15.95 -26.54
N LYS B 175 3.94 -16.40 -26.92
CA LYS B 175 4.35 -16.35 -28.32
C LYS B 175 3.43 -17.21 -29.18
N GLY B 176 3.06 -18.39 -28.70
CA GLY B 176 2.13 -19.22 -29.46
C GLY B 176 0.78 -18.57 -29.65
N VAL B 177 0.23 -17.98 -28.59
CA VAL B 177 -1.06 -17.30 -28.69
C VAL B 177 -0.98 -16.15 -29.68
N PHE B 178 0.10 -15.36 -29.61
CA PHE B 178 0.24 -14.24 -30.53
C PHE B 178 0.39 -14.72 -31.98
N ASP B 179 1.14 -15.81 -32.18
CA ASP B 179 1.32 -16.34 -33.53
C ASP B 179 0.01 -16.84 -34.11
N ARG B 180 -0.82 -17.49 -33.29
CA ARG B 180 -2.11 -17.96 -33.77
C ARG B 180 -3.20 -16.89 -33.72
N LEU B 181 -2.87 -15.68 -33.27
CA LEU B 181 -3.79 -14.56 -33.28
C LEU B 181 -3.49 -13.59 -34.42
N ALA B 182 -2.69 -14.01 -35.39
CA ALA B 182 -2.29 -13.17 -36.52
C ALA B 182 -1.54 -11.92 -36.05
N LEU B 183 -0.59 -12.12 -35.15
CA LEU B 183 0.29 -11.07 -34.65
C LEU B 183 1.74 -11.52 -34.71
N PRO B 184 2.29 -11.75 -35.91
CA PRO B 184 3.66 -12.26 -36.05
C PRO B 184 4.70 -11.15 -36.12
N GLU B 185 4.60 -10.17 -35.22
CA GLU B 185 5.58 -9.10 -35.18
C GLU B 185 6.08 -8.84 -33.78
N VAL B 186 5.23 -9.07 -32.78
CA VAL B 186 5.57 -8.73 -31.40
C VAL B 186 6.70 -9.62 -30.91
N ARG B 187 7.65 -9.03 -30.19
CA ARG B 187 8.77 -9.75 -29.63
C ARG B 187 8.42 -10.21 -28.22
N VAL B 188 8.65 -11.49 -27.94
CA VAL B 188 8.43 -12.06 -26.62
C VAL B 188 9.77 -12.10 -25.89
N ALA B 189 9.80 -11.55 -24.68
CA ALA B 189 11.02 -11.46 -23.90
C ALA B 189 10.77 -11.96 -22.48
N ARG B 190 11.73 -12.70 -21.95
CA ARG B 190 11.66 -13.19 -20.58
C ARG B 190 12.05 -12.08 -19.60
N GLY B 191 11.64 -12.26 -18.34
CA GLY B 191 11.92 -11.30 -17.30
C GLY B 191 13.28 -11.51 -16.66
N GLN B 192 13.42 -10.97 -15.45
CA GLN B 192 14.64 -11.12 -14.67
C GLN B 192 14.28 -11.61 -13.28
N ASP B 193 15.23 -12.31 -12.65
CA ASP B 193 14.96 -12.96 -11.36
C ASP B 193 14.67 -11.93 -10.28
N TYR B 194 13.76 -12.30 -9.37
CA TYR B 194 13.38 -11.47 -8.25
C TYR B 194 13.25 -12.34 -7.01
N PRO B 195 13.43 -11.76 -5.82
CA PRO B 195 13.38 -12.57 -4.59
C PRO B 195 12.01 -13.21 -4.38
N MET B 196 12.03 -14.42 -3.82
CA MET B 196 10.83 -15.19 -3.56
C MET B 196 10.89 -15.78 -2.16
N THR B 197 9.75 -15.80 -1.49
CA THR B 197 9.63 -16.57 -0.25
C THR B 197 9.04 -17.94 -0.58
N SER B 198 9.14 -18.86 0.38
CA SER B 198 8.68 -20.23 0.15
C SER B 198 7.19 -20.27 -0.16
N THR B 199 6.39 -19.57 0.63
CA THR B 199 4.97 -19.49 0.34
C THR B 199 4.72 -18.76 -0.98
N GLN B 200 5.45 -17.67 -1.22
CA GLN B 200 5.31 -16.94 -2.47
C GLN B 200 5.73 -17.80 -3.65
N ALA B 201 6.81 -18.56 -3.52
CA ALA B 201 7.23 -19.45 -4.60
C ALA B 201 6.16 -20.51 -4.87
N ARG B 202 5.58 -21.08 -3.80
CA ARG B 202 4.57 -22.11 -3.98
C ARG B 202 3.34 -21.55 -4.70
N GLU B 203 2.91 -20.34 -4.35
CA GLU B 203 1.73 -19.78 -5.01
C GLU B 203 2.04 -19.18 -6.37
N HIS B 204 3.31 -18.87 -6.65
CA HIS B 204 3.70 -18.34 -7.95
C HIS B 204 4.09 -19.43 -8.93
N SER B 205 4.23 -20.68 -8.49
CA SER B 205 4.47 -21.79 -9.38
C SER B 205 3.19 -22.30 -10.07
N LYS B 206 2.12 -21.51 -10.05
CA LYS B 206 0.86 -21.94 -10.62
C LYS B 206 0.95 -22.02 -12.14
N PHE B 207 0.38 -23.09 -12.70
CA PHE B 207 0.39 -23.31 -14.15
C PHE B 207 -0.75 -24.25 -14.48
N LEU B 208 -1.82 -23.72 -15.07
CA LEU B 208 -2.96 -24.54 -15.42
C LEU B 208 -2.62 -25.47 -16.58
N ALA B 209 -3.14 -26.70 -16.51
CA ALA B 209 -2.77 -27.73 -17.48
C ALA B 209 -3.35 -27.47 -18.86
N GLU B 210 -4.44 -26.71 -18.97
CA GLU B 210 -5.07 -26.51 -20.27
C GLU B 210 -4.22 -25.72 -21.23
N GLY B 211 -3.28 -24.92 -20.73
CA GLY B 211 -2.39 -24.14 -21.57
C GLY B 211 -1.16 -24.85 -22.05
N ALA B 212 -1.01 -26.13 -21.73
CA ALA B 212 0.19 -26.87 -22.13
C ALA B 212 0.28 -26.99 -23.66
N ALA B 213 -0.86 -27.22 -24.32
CA ALA B 213 -0.84 -27.40 -25.76
C ALA B 213 -0.60 -26.10 -26.53
N LEU B 214 -0.87 -24.95 -25.90
CA LEU B 214 -0.77 -23.67 -26.61
C LEU B 214 0.65 -23.20 -26.84
N ARG B 215 1.64 -23.83 -26.21
CA ARG B 215 3.02 -23.39 -26.38
C ARG B 215 3.49 -23.60 -27.81
N ALA B 216 4.22 -22.62 -28.33
CA ALA B 216 4.70 -22.65 -29.71
C ALA B 216 5.98 -23.50 -29.78
N ALA B 217 6.68 -23.40 -30.91
CA ALA B 217 7.94 -24.11 -31.05
C ALA B 217 8.95 -23.55 -30.06
N PRO B 218 9.73 -24.41 -29.39
CA PRO B 218 10.63 -23.97 -28.32
C PRO B 218 11.96 -23.40 -28.80
N ASP B 219 11.91 -22.58 -29.85
CA ASP B 219 13.09 -21.85 -30.31
C ASP B 219 12.85 -20.39 -30.63
N ALA B 220 11.61 -19.98 -30.91
CA ALA B 220 11.32 -18.60 -31.27
C ALA B 220 11.31 -17.65 -30.08
N VAL B 221 11.34 -18.18 -28.85
CA VAL B 221 11.35 -17.33 -27.67
C VAL B 221 12.69 -16.62 -27.55
N HIS B 222 12.68 -15.47 -26.89
CA HIS B 222 13.89 -14.67 -26.68
C HIS B 222 14.05 -14.45 -25.18
N THR B 223 15.27 -14.72 -24.68
CA THR B 223 15.51 -14.74 -23.25
C THR B 223 16.56 -13.72 -22.84
N ASP B 224 16.44 -12.49 -23.34
CA ASP B 224 17.39 -11.43 -23.01
C ASP B 224 16.84 -10.54 -21.90
N GLY B 225 15.66 -9.96 -22.12
CA GLY B 225 15.06 -9.10 -21.12
C GLY B 225 14.55 -7.79 -21.69
N VAL B 226 14.91 -6.68 -21.05
CA VAL B 226 14.49 -5.35 -21.51
C VAL B 226 15.58 -4.70 -22.35
N ARG B 227 16.58 -5.47 -22.81
CA ARG B 227 17.67 -4.91 -23.59
C ARG B 227 17.16 -4.38 -24.93
N ALA B 228 16.27 -5.12 -25.59
CA ALA B 228 15.72 -4.66 -26.86
C ALA B 228 14.85 -3.42 -26.66
N MET B 229 14.04 -3.39 -25.60
CA MET B 229 13.16 -2.26 -25.37
C MET B 229 13.95 -0.97 -25.14
N ARG B 230 15.15 -1.08 -24.56
CA ARG B 230 15.97 0.10 -24.34
C ARG B 230 16.36 0.75 -25.67
N GLU B 231 16.77 -0.06 -26.65
CA GLU B 231 17.18 0.47 -27.94
C GLU B 231 16.02 1.16 -28.63
N ARG B 232 14.87 0.51 -28.70
CA ARG B 232 13.70 1.10 -29.36
C ARG B 232 13.26 2.36 -28.66
N LEU B 233 13.27 2.36 -27.32
CA LEU B 233 12.90 3.55 -26.58
C LEU B 233 13.88 4.69 -26.87
N ALA B 234 15.16 4.37 -26.99
CA ALA B 234 16.15 5.41 -27.28
C ALA B 234 15.96 5.98 -28.69
N THR B 235 15.68 5.13 -29.68
CA THR B 235 15.63 5.56 -31.07
C THR B 235 14.23 5.74 -31.61
N SER B 236 13.21 5.71 -30.76
CA SER B 236 11.84 5.86 -31.24
C SER B 236 11.61 7.32 -31.66
N PRO B 237 11.07 7.56 -32.86
CA PRO B 237 10.86 8.95 -33.30
C PRO B 237 9.72 9.66 -32.60
N HIS B 238 8.90 8.96 -31.82
CA HIS B 238 7.77 9.57 -31.13
C HIS B 238 7.71 9.04 -29.70
N LYS B 239 6.67 9.45 -28.98
CA LYS B 239 6.48 9.07 -27.60
C LYS B 239 5.69 7.76 -27.50
N LEU B 240 5.99 6.99 -26.47
CA LEU B 240 5.33 5.71 -26.22
C LEU B 240 4.65 5.72 -24.86
N GLY B 241 3.69 4.81 -24.71
CA GLY B 241 3.00 4.61 -23.44
C GLY B 241 3.32 3.23 -22.89
N MET B 242 3.31 3.11 -21.57
CA MET B 242 3.65 1.87 -20.90
C MET B 242 2.45 1.37 -20.11
N VAL B 243 2.13 0.09 -20.26
CA VAL B 243 1.00 -0.53 -19.58
C VAL B 243 1.53 -1.68 -18.74
N VAL B 244 1.19 -1.67 -17.45
CA VAL B 244 1.64 -2.68 -16.51
C VAL B 244 0.43 -3.39 -15.92
N ILE B 245 0.31 -4.69 -16.19
CA ILE B 245 -0.76 -5.50 -15.62
C ILE B 245 -0.17 -6.76 -15.00
N ALA B 246 1.09 -6.68 -14.58
CA ALA B 246 1.81 -7.82 -14.04
C ALA B 246 2.79 -7.31 -12.98
N GLY B 247 3.77 -8.13 -12.64
CA GLY B 247 4.79 -7.71 -11.70
C GLY B 247 5.59 -6.53 -12.23
N MET B 248 6.12 -5.74 -11.31
CA MET B 248 6.76 -4.47 -11.63
C MET B 248 8.29 -4.58 -11.70
N THR B 249 8.84 -5.79 -11.73
CA THR B 249 10.29 -5.94 -11.67
C THR B 249 10.96 -5.34 -12.90
N ASP B 250 10.63 -5.85 -14.08
CA ASP B 250 11.26 -5.34 -15.30
C ASP B 250 10.86 -3.89 -15.56
N ALA B 251 9.62 -3.53 -15.24
CA ALA B 251 9.20 -2.14 -15.38
C ALA B 251 10.03 -1.22 -14.50
N SER B 252 10.30 -1.64 -13.27
CA SER B 252 11.19 -0.86 -12.40
C SER B 252 12.60 -0.80 -12.96
N ALA B 253 13.06 -1.90 -13.56
CA ALA B 253 14.40 -1.93 -14.12
C ALA B 253 14.53 -0.95 -15.28
N LEU B 254 13.49 -0.83 -16.10
CA LEU B 254 13.57 0.02 -17.29
C LEU B 254 13.69 1.50 -16.90
N LEU B 255 12.96 1.94 -15.89
CA LEU B 255 12.92 3.35 -15.52
C LEU B 255 14.03 3.75 -14.57
N ALA B 256 14.85 2.81 -14.09
CA ALA B 256 15.91 3.15 -13.16
C ALA B 256 17.16 3.70 -13.85
N GLU B 257 17.20 3.71 -15.18
CA GLU B 257 18.38 4.12 -15.91
C GLU B 257 17.98 5.13 -16.99
N ALA B 258 18.85 6.10 -17.24
CA ALA B 258 18.66 7.14 -18.25
C ALA B 258 17.36 7.91 -18.00
N GLY B 259 17.36 8.62 -16.88
CA GLY B 259 16.17 9.36 -16.49
C GLY B 259 15.72 10.36 -17.55
N ASP B 260 16.66 11.11 -18.11
CA ASP B 260 16.30 12.11 -19.12
C ASP B 260 15.70 11.45 -20.35
N LEU B 261 16.32 10.36 -20.83
CA LEU B 261 15.78 9.65 -21.98
C LEU B 261 14.37 9.15 -21.71
N VAL B 262 14.16 8.51 -20.56
CA VAL B 262 12.90 7.86 -20.28
C VAL B 262 11.81 8.87 -19.95
N ARG B 263 12.18 10.09 -19.54
CA ARG B 263 11.17 11.13 -19.35
C ARG B 263 10.91 11.92 -20.62
N GLU B 264 11.84 11.94 -21.56
CA GLU B 264 11.67 12.70 -22.78
C GLU B 264 11.04 11.89 -23.89
N LYS B 265 11.08 10.55 -23.81
CA LYS B 265 10.44 9.70 -24.81
C LYS B 265 9.41 8.77 -24.19
N LEU B 266 8.60 9.27 -23.25
CA LEU B 266 7.45 8.52 -22.76
C LEU B 266 6.28 9.46 -22.55
N ALA B 267 5.07 8.93 -22.76
CA ALA B 267 3.84 9.72 -22.61
C ALA B 267 3.23 9.55 -21.23
N SER B 268 2.90 8.32 -20.85
CA SER B 268 2.27 8.06 -19.56
C SER B 268 2.39 6.58 -19.24
N ILE B 269 2.09 6.24 -17.98
CA ILE B 269 2.13 4.87 -17.50
C ILE B 269 0.75 4.51 -16.98
N THR B 270 0.23 3.37 -17.43
CA THR B 270 -1.05 2.85 -16.98
C THR B 270 -0.81 1.55 -16.24
N ILE B 271 -1.28 1.48 -14.99
CA ILE B 271 -1.06 0.33 -14.13
C ILE B 271 -2.39 -0.08 -13.50
N MET B 272 -2.60 -1.39 -13.37
CA MET B 272 -3.72 -1.92 -12.60
C MET B 272 -3.19 -2.30 -11.23
N GLY B 273 -3.58 -1.54 -10.21
CA GLY B 273 -3.10 -1.80 -8.87
C GLY B 273 -3.91 -1.09 -7.81
N GLY B 274 -3.23 -0.57 -6.79
CA GLY B 274 -3.89 0.14 -5.72
C GLY B 274 -3.05 1.30 -5.22
N ILE B 275 -3.69 2.14 -4.43
CA ILE B 275 -3.06 3.32 -3.84
C ILE B 275 -3.17 3.23 -2.33
N ASP B 276 -2.05 3.34 -1.64
CA ASP B 276 -2.07 3.32 -0.18
C ASP B 276 -2.74 4.59 0.33
N PRO B 277 -3.67 4.48 1.29
CA PRO B 277 -4.39 5.68 1.75
C PRO B 277 -3.49 6.72 2.40
N ALA B 278 -2.33 6.35 2.92
CA ALA B 278 -1.44 7.27 3.61
C ALA B 278 -0.39 7.82 2.66
N ARG B 279 -0.13 9.12 2.77
CA ARG B 279 0.85 9.77 1.94
C ARG B 279 2.27 9.42 2.39
N ASP B 280 3.22 9.57 1.48
CA ASP B 280 4.61 9.30 1.79
C ASP B 280 5.19 10.38 2.69
N ALA B 281 6.41 10.13 3.16
CA ALA B 281 7.09 11.10 4.02
C ALA B 281 7.34 12.42 3.29
N ASP B 282 7.71 12.33 2.01
CA ASP B 282 8.01 13.50 1.20
C ASP B 282 6.80 14.01 0.41
N GLY B 283 5.59 13.57 0.77
CA GLY B 283 4.40 14.02 0.09
C GLY B 283 4.06 13.26 -1.17
N LEU B 284 4.81 12.21 -1.50
CA LEU B 284 4.54 11.42 -2.69
C LEU B 284 3.40 10.44 -2.42
N VAL B 285 3.11 9.59 -3.39
CA VAL B 285 2.05 8.59 -3.29
C VAL B 285 2.68 7.21 -3.41
N GLN B 286 2.43 6.36 -2.43
CA GLN B 286 3.03 5.03 -2.41
C GLN B 286 1.99 3.95 -2.74
N PRO B 287 2.41 2.86 -3.37
CA PRO B 287 1.49 1.74 -3.59
C PRO B 287 1.16 1.04 -2.28
N ASP B 288 -0.03 0.45 -2.22
CA ASP B 288 -0.43 -0.30 -1.05
C ASP B 288 0.16 -1.71 -1.09
N THR B 289 0.06 -2.40 0.06
CA THR B 289 0.61 -3.73 0.20
C THR B 289 -0.40 -4.83 -0.14
N ARG B 290 -1.67 -4.48 -0.33
CA ARG B 290 -2.71 -5.48 -0.51
C ARG B 290 -2.97 -5.85 -1.96
N ALA B 291 -2.70 -4.94 -2.89
CA ALA B 291 -2.93 -5.24 -4.30
C ALA B 291 -2.02 -6.37 -4.77
N TYR B 292 -2.56 -7.24 -5.62
CA TYR B 292 -1.81 -8.41 -6.06
C TYR B 292 -0.56 -8.02 -6.84
N ASN B 293 -0.71 -7.08 -7.79
CA ASN B 293 0.44 -6.64 -8.56
C ASN B 293 1.46 -5.94 -7.66
N ASN B 294 0.98 -5.14 -6.71
CA ASN B 294 1.89 -4.50 -5.77
C ASN B 294 2.54 -5.50 -4.82
N ALA B 295 1.81 -6.58 -4.47
CA ALA B 295 2.34 -7.59 -3.56
C ALA B 295 3.26 -8.59 -4.27
N THR B 296 3.26 -8.62 -5.59
CA THR B 296 4.19 -9.50 -6.29
C THR B 296 5.64 -9.15 -5.97
N ASP B 297 5.97 -7.86 -5.97
CA ASP B 297 7.30 -7.41 -5.56
C ASP B 297 7.09 -5.98 -5.05
N ILE B 298 7.11 -5.82 -3.73
CA ILE B 298 6.76 -4.53 -3.14
C ILE B 298 7.84 -3.49 -3.42
N HIS B 299 9.11 -3.91 -3.36
CA HIS B 299 10.20 -2.96 -3.59
C HIS B 299 10.16 -2.40 -5.01
N ALA B 300 9.95 -3.27 -6.00
CA ALA B 300 9.87 -2.80 -7.38
C ALA B 300 8.69 -1.87 -7.58
N ALA B 301 7.55 -2.19 -6.95
CA ALA B 301 6.38 -1.32 -7.07
C ALA B 301 6.64 0.06 -6.47
N ARG B 302 7.23 0.10 -5.28
CA ARG B 302 7.56 1.39 -4.68
C ARG B 302 8.53 2.16 -5.55
N ALA B 303 9.55 1.48 -6.10
CA ALA B 303 10.51 2.15 -6.95
C ALA B 303 9.84 2.71 -8.20
N LEU B 304 8.94 1.94 -8.82
CA LEU B 304 8.23 2.42 -10.00
C LEU B 304 7.41 3.66 -9.68
N TYR B 305 6.61 3.60 -8.61
CA TYR B 305 5.77 4.75 -8.29
C TYR B 305 6.61 5.99 -7.99
N ARG B 306 7.66 5.83 -7.18
CA ARG B 306 8.48 6.97 -6.80
C ARG B 306 9.20 7.55 -8.02
N ARG B 307 9.78 6.70 -8.86
CA ARG B 307 10.49 7.17 -10.04
C ARG B 307 9.55 7.88 -11.01
N ALA B 308 8.37 7.31 -11.25
CA ALA B 308 7.42 7.93 -12.16
C ALA B 308 6.96 9.29 -11.62
N GLN B 309 6.72 9.38 -10.31
CA GLN B 309 6.24 10.65 -9.77
C GLN B 309 7.36 11.68 -9.68
N GLN B 310 8.61 11.25 -9.56
CA GLN B 310 9.74 12.18 -9.52
C GLN B 310 10.26 12.55 -10.89
N LEU B 311 9.90 11.82 -11.95
CA LEU B 311 10.38 12.09 -13.29
C LEU B 311 9.38 12.85 -14.14
N GLY B 312 8.22 13.20 -13.59
CA GLY B 312 7.23 13.96 -14.34
C GLY B 312 6.37 13.16 -15.30
N ILE B 313 6.49 11.84 -15.29
CA ILE B 313 5.66 11.01 -16.19
C ILE B 313 4.27 10.87 -15.59
N PRO B 314 3.21 11.19 -16.33
CA PRO B 314 1.86 10.99 -15.81
C PRO B 314 1.58 9.54 -15.49
N LEU B 315 0.80 9.32 -14.45
CA LEU B 315 0.51 7.98 -13.92
C LEU B 315 -0.98 7.69 -14.01
N ARG B 316 -1.32 6.53 -14.56
CA ARG B 316 -2.70 6.06 -14.62
C ARG B 316 -2.80 4.79 -13.77
N ILE B 317 -3.71 4.80 -12.80
CA ILE B 317 -3.87 3.69 -11.87
C ILE B 317 -5.32 3.24 -11.89
N LEU B 318 -5.54 1.94 -12.04
CA LEU B 318 -6.87 1.34 -12.05
C LEU B 318 -7.03 0.44 -10.85
N SER B 319 -8.15 0.57 -10.15
CA SER B 319 -8.46 -0.26 -8.98
C SER B 319 -9.07 -1.58 -9.45
N LYS B 320 -9.61 -2.34 -8.50
CA LYS B 320 -10.19 -3.64 -8.78
C LYS B 320 -11.70 -3.60 -8.96
N GLU B 321 -12.36 -2.50 -8.61
CA GLU B 321 -13.81 -2.41 -8.69
C GLU B 321 -14.32 -1.91 -10.03
N ALA B 322 -13.42 -1.53 -10.95
CA ALA B 322 -13.86 -1.15 -12.29
C ALA B 322 -14.54 -2.33 -12.98
N ALA B 323 -13.99 -3.53 -12.83
CA ALA B 323 -14.66 -4.72 -13.36
C ALA B 323 -15.99 -4.96 -12.66
N TYR B 324 -16.08 -4.63 -11.37
CA TYR B 324 -17.35 -4.75 -10.67
C TYR B 324 -18.41 -3.84 -11.30
N ARG B 325 -18.02 -2.61 -11.64
CA ARG B 325 -18.95 -1.70 -12.29
C ARG B 325 -19.22 -2.09 -13.74
N ALA B 326 -18.31 -2.82 -14.38
CA ALA B 326 -18.40 -3.14 -15.80
C ALA B 326 -18.32 -4.65 -16.02
N ALA B 327 -19.12 -5.40 -15.27
CA ALA B 327 -19.12 -6.85 -15.40
C ALA B 327 -19.68 -7.27 -16.77
N VAL B 328 -19.33 -8.50 -17.17
CA VAL B 328 -19.70 -9.00 -18.49
C VAL B 328 -20.59 -10.24 -18.33
N PRO B 329 -21.61 -10.40 -19.16
CA PRO B 329 -22.43 -11.63 -19.11
C PRO B 329 -21.66 -12.82 -19.63
N PRO B 330 -22.05 -14.03 -19.24
CA PRO B 330 -21.33 -15.23 -19.70
C PRO B 330 -21.55 -15.57 -21.16
N ALA B 331 -22.60 -15.02 -21.78
CA ALA B 331 -22.86 -15.30 -23.19
C ALA B 331 -21.73 -14.78 -24.08
N PHE B 332 -20.90 -13.88 -23.57
CA PHE B 332 -19.73 -13.43 -24.31
C PHE B 332 -18.78 -14.58 -24.61
N TYR B 333 -18.50 -15.41 -23.61
CA TYR B 333 -17.59 -16.54 -23.81
C TYR B 333 -18.15 -17.53 -24.83
N GLU B 334 -19.44 -17.85 -24.70
CA GLU B 334 -20.06 -18.77 -25.66
C GLU B 334 -20.06 -18.17 -27.06
N GLY B 335 -20.30 -16.87 -27.17
CA GLY B 335 -20.28 -16.23 -28.47
C GLY B 335 -18.92 -16.30 -29.13
N ILE B 336 -17.86 -16.03 -28.37
CA ILE B 336 -16.52 -16.08 -28.97
C ILE B 336 -16.11 -17.51 -29.28
N ALA B 337 -16.57 -18.49 -28.50
CA ALA B 337 -16.17 -19.87 -28.71
C ALA B 337 -17.10 -20.65 -29.64
N ARG B 338 -18.19 -20.03 -30.10
CA ARG B 338 -19.13 -20.74 -30.96
C ARG B 338 -18.50 -21.18 -32.28
N ASN B 339 -17.49 -20.46 -32.76
CA ASN B 339 -16.92 -20.72 -34.07
C ASN B 339 -15.72 -21.66 -34.04
N GLY B 340 -15.42 -22.26 -32.90
CA GLY B 340 -14.34 -23.21 -32.82
C GLY B 340 -12.95 -22.62 -32.82
N HIS B 341 -12.82 -21.35 -32.46
CA HIS B 341 -11.50 -20.75 -32.34
C HIS B 341 -10.73 -21.43 -31.21
N PRO B 342 -9.52 -21.92 -31.45
CA PRO B 342 -8.76 -22.57 -30.36
C PRO B 342 -8.56 -21.67 -29.17
N VAL B 343 -8.30 -20.38 -29.39
CA VAL B 343 -8.12 -19.45 -28.28
C VAL B 343 -9.41 -19.29 -27.50
N GLY B 344 -10.52 -19.04 -28.20
CA GLY B 344 -11.80 -18.90 -27.52
C GLY B 344 -12.21 -20.16 -26.78
N GLU B 345 -11.93 -21.32 -27.37
CA GLU B 345 -12.14 -22.58 -26.66
C GLU B 345 -11.31 -22.64 -25.39
N TYR B 346 -10.05 -22.15 -25.45
CA TYR B 346 -9.20 -22.16 -24.28
C TYR B 346 -9.78 -21.30 -23.17
N LEU B 347 -10.24 -20.08 -23.50
CA LEU B 347 -10.78 -19.23 -22.44
C LEU B 347 -12.08 -19.80 -21.90
N ARG B 348 -12.94 -20.36 -22.76
CA ARG B 348 -14.17 -20.96 -22.27
C ARG B 348 -13.86 -22.11 -21.32
N ASP B 349 -12.90 -22.97 -21.68
CA ASP B 349 -12.53 -24.08 -20.82
C ASP B 349 -11.99 -23.60 -19.49
N VAL B 350 -11.11 -22.59 -19.51
CA VAL B 350 -10.50 -22.15 -18.25
C VAL B 350 -11.52 -21.47 -17.35
N GLN B 351 -12.44 -20.68 -17.93
CA GLN B 351 -13.46 -20.05 -17.11
C GLN B 351 -14.41 -21.07 -16.53
N LYS B 352 -14.83 -22.06 -17.32
CA LYS B 352 -15.69 -23.11 -16.80
C LYS B 352 -14.99 -23.89 -15.69
N ASN B 353 -13.71 -24.21 -15.89
CA ASN B 353 -12.98 -24.96 -14.88
C ASN B 353 -12.88 -24.19 -13.58
N ALA B 354 -12.50 -22.91 -13.67
CA ALA B 354 -12.36 -22.10 -12.46
C ALA B 354 -13.70 -21.94 -11.75
N LEU B 355 -14.77 -21.68 -12.50
CA LEU B 355 -16.06 -21.48 -11.87
C LEU B 355 -16.58 -22.74 -11.20
N LYS B 356 -16.40 -23.91 -11.84
CA LYS B 356 -16.91 -25.11 -11.19
C LYS B 356 -16.01 -25.53 -10.04
N GLY B 357 -14.71 -25.24 -10.10
CA GLY B 357 -13.87 -25.45 -8.93
C GLY B 357 -14.33 -24.62 -7.75
N LEU B 358 -14.66 -23.35 -8.00
CA LEU B 358 -15.19 -22.51 -6.93
C LEU B 358 -16.52 -23.05 -6.42
N TRP B 359 -17.40 -23.48 -7.33
CA TRP B 359 -18.72 -23.94 -6.92
C TRP B 359 -18.64 -25.23 -6.11
N GLU B 360 -17.67 -26.09 -6.41
CA GLU B 360 -17.48 -27.28 -5.57
C GLU B 360 -16.79 -26.95 -4.26
N GLY B 361 -15.87 -25.99 -4.27
CA GLY B 361 -15.20 -25.61 -3.03
C GLY B 361 -16.12 -24.96 -2.02
N ILE B 362 -17.04 -24.10 -2.50
CA ILE B 362 -17.93 -23.41 -1.58
C ILE B 362 -18.86 -24.41 -0.89
N GLN B 363 -19.22 -25.49 -1.57
CA GLN B 363 -19.98 -26.56 -0.94
C GLN B 363 -19.15 -27.19 0.16
N ALA B 364 -19.85 -27.63 1.22
CA ALA B 364 -19.23 -28.18 2.43
C ALA B 364 -18.30 -27.17 3.09
N ASN B 365 -18.67 -25.89 3.00
CA ASN B 365 -18.06 -24.75 3.69
C ASN B 365 -16.55 -24.89 3.87
N LEU B 366 -15.85 -25.28 2.80
CA LEU B 366 -14.39 -25.41 2.87
C LEU B 366 -13.73 -24.05 3.02
N ILE B 367 -14.20 -23.05 2.31
CA ILE B 367 -13.61 -21.71 2.32
C ILE B 367 -14.30 -20.89 3.43
N PRO B 368 -13.56 -20.37 4.40
CA PRO B 368 -14.20 -19.60 5.47
C PRO B 368 -14.72 -18.26 4.98
N GLY B 369 -15.78 -17.79 5.64
CA GLY B 369 -16.34 -16.48 5.37
C GLY B 369 -17.26 -16.41 4.17
N LEU B 370 -17.42 -17.49 3.43
CA LEU B 370 -18.28 -17.51 2.25
C LEU B 370 -19.27 -18.66 2.37
N ASP B 371 -20.48 -18.44 1.86
CA ASP B 371 -21.54 -19.42 1.92
C ASP B 371 -22.29 -19.41 0.60
N THR B 372 -23.35 -20.22 0.52
CA THR B 372 -24.16 -20.28 -0.69
C THR B 372 -24.86 -18.96 -0.96
N ALA B 373 -25.22 -18.22 0.10
CA ALA B 373 -25.88 -16.93 -0.08
C ALA B 373 -24.97 -15.93 -0.78
N TRP B 374 -23.67 -15.94 -0.42
CA TRP B 374 -22.74 -14.98 -1.02
C TRP B 374 -22.57 -15.23 -2.51
N PHE B 375 -22.55 -16.50 -2.92
CA PHE B 375 -22.39 -16.80 -4.34
C PHE B 375 -23.56 -16.26 -5.15
N PHE B 376 -24.79 -16.43 -4.65
CA PHE B 376 -25.95 -15.93 -5.37
C PHE B 376 -26.10 -14.41 -5.29
N ARG B 377 -25.30 -13.73 -4.47
CA ARG B 377 -25.37 -12.28 -4.42
C ARG B 377 -24.56 -11.64 -5.54
N THR B 378 -23.26 -11.91 -5.57
CA THR B 378 -22.36 -11.23 -6.51
C THR B 378 -22.19 -11.97 -7.83
N PHE B 379 -22.79 -13.15 -7.99
CA PHE B 379 -22.73 -13.89 -9.25
C PHE B 379 -24.08 -14.11 -9.90
N VAL B 380 -25.18 -13.77 -9.24
CA VAL B 380 -26.50 -14.02 -9.80
C VAL B 380 -27.26 -12.70 -9.94
N ALA B 381 -27.47 -12.01 -8.84
CA ALA B 381 -28.23 -10.77 -8.83
C ALA B 381 -27.67 -9.78 -7.81
N GLY B 394 -30.88 -24.85 -2.75
CA GLY B 394 -29.98 -25.70 -2.01
C GLY B 394 -28.60 -25.81 -2.65
N ALA B 395 -28.28 -27.00 -3.17
CA ALA B 395 -27.01 -27.21 -3.85
C ALA B 395 -27.25 -28.22 -4.98
N MET B 396 -27.54 -27.70 -6.16
CA MET B 396 -27.78 -28.51 -7.34
C MET B 396 -26.49 -28.72 -8.12
N SER B 397 -26.62 -29.39 -9.27
CA SER B 397 -25.49 -29.57 -10.16
C SER B 397 -25.10 -28.24 -10.80
N PHE B 398 -23.81 -28.13 -11.15
CA PHE B 398 -23.32 -26.88 -11.72
C PHE B 398 -23.95 -26.59 -13.08
N ASP B 399 -24.30 -27.63 -13.83
CA ASP B 399 -24.86 -27.43 -15.17
C ASP B 399 -26.15 -26.60 -15.15
N ALA B 400 -26.85 -26.55 -14.01
CA ALA B 400 -28.00 -25.67 -13.86
C ALA B 400 -27.64 -24.34 -13.23
N ILE B 401 -26.55 -24.28 -12.45
CA ILE B 401 -26.11 -23.02 -11.86
C ILE B 401 -25.54 -22.10 -12.94
N TRP B 402 -24.81 -22.66 -13.91
CA TRP B 402 -24.12 -21.88 -14.93
C TRP B 402 -25.03 -20.91 -15.70
N PRO B 403 -26.22 -21.29 -16.15
CA PRO B 403 -27.04 -20.32 -16.90
C PRO B 403 -27.39 -19.07 -16.10
N GLN B 404 -27.57 -19.19 -14.79
CA GLN B 404 -28.03 -18.06 -13.97
C GLN B 404 -26.87 -17.26 -13.37
N VAL B 405 -25.90 -16.90 -14.20
CA VAL B 405 -24.82 -16.01 -13.80
C VAL B 405 -24.76 -14.86 -14.80
N THR B 406 -24.51 -13.65 -14.29
CA THR B 406 -24.49 -12.46 -15.14
C THR B 406 -23.41 -11.45 -14.83
N LYS B 407 -22.50 -11.71 -13.88
CA LYS B 407 -21.61 -10.67 -13.38
C LYS B 407 -20.16 -11.17 -13.32
N LEU B 408 -19.68 -11.77 -14.40
CA LEU B 408 -18.28 -12.13 -14.48
C LEU B 408 -17.41 -10.87 -14.67
N ASN B 409 -16.14 -11.00 -14.31
CA ASN B 409 -15.24 -9.85 -14.20
C ASN B 409 -14.11 -9.91 -15.22
N LEU B 410 -13.77 -8.74 -15.77
CA LEU B 410 -12.61 -8.54 -16.62
C LEU B 410 -11.83 -7.34 -16.08
N TYR B 411 -10.58 -7.57 -15.66
CA TYR B 411 -9.81 -6.56 -14.94
C TYR B 411 -8.83 -5.79 -15.82
N ASP B 412 -7.89 -6.49 -16.44
CA ASP B 412 -6.82 -5.83 -17.21
C ASP B 412 -7.27 -5.18 -18.52
N PRO B 413 -8.27 -5.69 -19.24
CA PRO B 413 -8.69 -4.99 -20.46
C PRO B 413 -9.12 -3.56 -20.23
N LEU B 414 -9.73 -3.27 -19.07
CA LEU B 414 -10.10 -1.89 -18.77
C LEU B 414 -8.87 -1.01 -18.64
N THR B 415 -7.76 -1.55 -18.14
CA THR B 415 -6.52 -0.79 -18.07
C THR B 415 -6.04 -0.41 -19.48
N LEU B 416 -6.07 -1.35 -20.40
CA LEU B 416 -5.69 -1.06 -21.78
C LEU B 416 -6.62 -0.04 -22.41
N LEU B 417 -7.92 -0.14 -22.11
CA LEU B 417 -8.87 0.84 -22.62
C LEU B 417 -8.58 2.23 -22.07
N ALA B 418 -8.23 2.31 -20.79
CA ALA B 418 -7.93 3.61 -20.17
C ALA B 418 -6.60 4.17 -20.65
N ALA B 419 -5.68 3.30 -21.08
CA ALA B 419 -4.37 3.77 -21.54
C ALA B 419 -4.51 4.65 -22.78
N LEU B 420 -5.38 4.26 -23.71
CA LEU B 420 -5.54 5.03 -24.95
C LEU B 420 -6.32 6.31 -24.67
N PRO B 421 -5.76 7.49 -24.96
CA PRO B 421 -6.51 8.74 -24.72
C PRO B 421 -7.74 8.88 -25.59
N GLY B 422 -7.82 8.17 -26.72
CA GLY B 422 -8.98 8.31 -27.58
C GLY B 422 -10.25 7.81 -26.91
N ALA B 423 -10.18 6.63 -26.30
CA ALA B 423 -11.33 6.05 -25.61
C ALA B 423 -11.38 6.42 -24.13
N ALA B 424 -10.35 7.08 -23.61
CA ALA B 424 -10.35 7.46 -22.21
C ALA B 424 -11.46 8.46 -21.90
N ARG B 425 -11.65 9.44 -22.77
CA ARG B 425 -12.68 10.45 -22.57
C ARG B 425 -14.08 9.95 -22.89
N LEU B 426 -14.19 8.86 -23.66
CA LEU B 426 -15.50 8.40 -24.10
C LEU B 426 -16.31 7.83 -22.94
N LEU B 427 -15.67 7.07 -22.04
CA LEU B 427 -16.39 6.39 -20.98
C LEU B 427 -15.79 6.57 -19.59
N PHE B 428 -14.52 6.92 -19.46
CA PHE B 428 -13.92 7.15 -18.15
C PHE B 428 -14.01 8.63 -17.77
N GLN B 429 -13.61 8.92 -16.53
CA GLN B 429 -13.55 10.28 -16.02
C GLN B 429 -12.51 10.32 -14.90
N PRO B 430 -11.24 10.51 -15.25
CA PRO B 430 -10.18 10.44 -14.23
C PRO B 430 -10.34 11.51 -13.15
N THR B 431 -9.99 11.15 -11.92
CA THR B 431 -10.06 12.06 -10.79
C THR B 431 -8.66 12.47 -10.38
N PRO B 432 -8.28 13.74 -10.52
CA PRO B 432 -6.94 14.17 -10.08
C PRO B 432 -6.77 14.02 -8.58
N MET B 433 -5.56 13.63 -8.18
CA MET B 433 -5.23 13.51 -6.76
C MET B 433 -3.87 14.07 -6.41
N HIS B 434 -3.10 14.54 -7.39
CA HIS B 434 -1.76 15.02 -7.14
C HIS B 434 -1.77 16.31 -6.33
N ARG B 435 -0.72 16.52 -5.54
CA ARG B 435 -0.52 17.79 -4.89
C ARG B 435 -0.27 18.86 -5.96
N GLU B 436 -0.59 20.11 -5.62
CA GLU B 436 -0.47 21.19 -6.59
C GLU B 436 0.95 21.26 -7.16
N GLY B 437 1.96 21.09 -6.32
CA GLY B 437 3.30 20.90 -6.83
C GLY B 437 3.69 19.43 -6.84
N ALA B 438 3.55 18.78 -7.98
CA ALA B 438 3.88 17.37 -8.16
C ALA B 438 3.64 17.00 -9.62
N SER B 439 4.03 15.79 -9.98
CA SER B 439 3.72 15.27 -11.30
C SER B 439 2.25 14.88 -11.38
N PRO B 440 1.63 15.03 -12.54
CA PRO B 440 0.20 14.69 -12.67
C PRO B 440 -0.03 13.21 -12.49
N VAL B 441 -0.81 12.86 -11.46
CA VAL B 441 -1.21 11.49 -11.19
C VAL B 441 -2.70 11.49 -10.85
N GLU B 442 -3.43 10.54 -11.42
CA GLU B 442 -4.87 10.45 -11.22
C GLU B 442 -5.28 8.99 -11.14
N HIS B 443 -6.41 8.75 -10.46
CA HIS B 443 -6.89 7.41 -10.14
C HIS B 443 -8.30 7.26 -10.69
N VAL B 444 -8.56 6.14 -11.36
CA VAL B 444 -9.88 5.83 -11.89
C VAL B 444 -10.43 4.65 -11.10
N GLY B 445 -11.56 4.86 -10.42
CA GLY B 445 -12.18 3.83 -9.62
C GLY B 445 -13.57 3.47 -10.08
N HIS B 446 -14.43 3.04 -9.15
CA HIS B 446 -15.79 2.65 -9.52
C HIS B 446 -16.66 3.86 -9.84
N ALA B 447 -16.42 4.99 -9.19
CA ALA B 447 -17.24 6.17 -9.42
C ALA B 447 -16.90 6.89 -10.71
N GLU B 448 -15.69 6.67 -11.26
CA GLU B 448 -15.29 7.36 -12.47
C GLU B 448 -15.92 6.77 -13.72
N VAL B 449 -16.19 5.47 -13.73
CA VAL B 449 -16.86 4.87 -14.88
C VAL B 449 -18.30 5.36 -14.90
N VAL B 450 -18.66 6.08 -15.96
CA VAL B 450 -19.96 6.75 -16.01
C VAL B 450 -20.91 5.97 -16.92
N ARG B 451 -20.37 5.24 -17.89
CA ARG B 451 -21.16 4.53 -18.89
C ARG B 451 -20.73 3.07 -18.93
N PRO B 452 -21.11 2.27 -17.93
CA PRO B 452 -20.74 0.85 -17.94
C PRO B 452 -21.34 0.08 -19.11
N GLU B 453 -22.51 0.47 -19.60
CA GLU B 453 -23.15 -0.26 -20.69
C GLU B 453 -22.29 -0.23 -21.96
N LYS B 454 -21.82 0.97 -22.33
CA LYS B 454 -20.94 1.05 -23.47
C LYS B 454 -19.60 0.35 -23.21
N ALA B 455 -19.15 0.32 -21.96
CA ALA B 455 -17.93 -0.41 -21.65
C ALA B 455 -18.10 -1.90 -21.94
N ARG B 456 -19.19 -2.49 -21.46
CA ARG B 456 -19.47 -3.89 -21.76
C ARG B 456 -19.62 -4.10 -23.26
N LEU B 457 -20.24 -3.14 -23.94
CA LEU B 457 -20.39 -3.24 -25.39
C LEU B 457 -19.03 -3.26 -26.08
N LEU B 458 -18.10 -2.40 -25.66
CA LEU B 458 -16.77 -2.43 -26.27
C LEU B 458 -16.04 -3.73 -25.98
N LEU B 459 -16.08 -4.21 -24.75
CA LEU B 459 -15.45 -5.51 -24.48
C LEU B 459 -16.02 -6.59 -25.39
N SER B 460 -17.34 -6.70 -25.45
CA SER B 460 -17.96 -7.73 -26.29
C SER B 460 -17.60 -7.55 -27.75
N ALA B 461 -17.62 -6.32 -28.25
CA ALA B 461 -17.38 -6.07 -29.67
C ALA B 461 -15.92 -6.33 -30.04
N LEU B 462 -15.00 -5.56 -29.46
CA LEU B 462 -13.59 -5.74 -29.81
C LEU B 462 -12.98 -7.02 -29.24
N ALA B 463 -13.74 -7.87 -28.55
CA ALA B 463 -13.26 -9.21 -28.29
C ALA B 463 -13.88 -10.26 -29.20
N LYS B 464 -15.13 -10.06 -29.63
CA LYS B 464 -15.82 -11.05 -30.45
C LYS B 464 -15.31 -11.06 -31.88
N ALA B 465 -15.06 -9.87 -32.46
CA ALA B 465 -14.67 -9.79 -33.86
C ALA B 465 -13.33 -10.47 -34.12
N ALA B 466 -12.36 -10.25 -33.24
CA ALA B 466 -11.03 -10.83 -33.41
C ALA B 466 -11.04 -12.31 -33.02
CA CA C . -2.69 -10.33 -15.18
#